data_8WZX
#
_entry.id   8WZX
#
_entity_poly.entity_id   1
_entity_poly.type   'polypeptide(L)'
_entity_poly.pdbx_seq_one_letter_code
;GKKRPKPGGWNTGGSRYPGQGSPGGNRYPPQGGGTWGQPHGGGWGQPHGGGWGQPHGGGWGQPHGGGWGQGGGTHNQWNK
PSKPKTNMKHMAGAAAAGAVVGGLGGYMLGSAMSRPMMHFGND
;
_entity_poly.pdbx_strand_id   A,B,C,D,E,F,G,H,I,J,K,L,M,N,O,P,Q,R,S,T
#
# COMPACT_ATOMS: atom_id res chain seq x y z
N GLY A 73 -29.36 21.61 22.38
CA GLY A 73 -29.52 22.89 21.71
C GLY A 73 -30.29 22.79 20.41
N THR A 74 -30.81 23.91 19.94
CA THR A 74 -31.57 23.92 18.70
C THR A 74 -30.68 23.79 17.48
N HIS A 75 -31.24 23.21 16.43
CA HIS A 75 -30.58 23.04 15.14
C HIS A 75 -31.54 23.53 14.07
N ASN A 76 -31.08 24.44 13.22
CA ASN A 76 -31.91 25.02 12.19
C ASN A 76 -31.21 24.91 10.85
N GLN A 77 -31.96 24.59 9.81
CA GLN A 77 -31.43 24.54 8.47
C GLN A 77 -32.44 25.14 7.51
N TRP A 78 -32.02 26.17 6.79
CA TRP A 78 -32.83 26.77 5.75
C TRP A 78 -32.29 26.33 4.41
N ASN A 79 -33.05 25.53 3.69
CA ASN A 79 -32.66 25.05 2.37
C ASN A 79 -33.49 25.78 1.33
N LYS A 80 -32.85 26.62 0.53
CA LYS A 80 -33.52 27.37 -0.54
C LYS A 80 -32.80 27.17 -1.85
N PRO A 81 -32.94 26.00 -2.47
CA PRO A 81 -32.50 25.85 -3.86
C PRO A 81 -33.62 26.20 -4.82
N SER A 82 -33.25 26.68 -6.00
CA SER A 82 -34.21 26.97 -7.06
C SER A 82 -33.84 26.15 -8.29
N LYS A 83 -34.73 25.23 -8.66
CA LYS A 83 -34.49 24.28 -9.74
C LYS A 83 -33.24 23.42 -9.50
N PRO A 84 -33.19 22.66 -8.42
CA PRO A 84 -32.08 21.73 -8.25
C PRO A 84 -32.38 20.41 -8.94
N LYS A 85 -31.48 20.00 -9.83
CA LYS A 85 -31.65 18.74 -10.52
C LYS A 85 -30.49 17.81 -10.18
N THR A 86 -30.82 16.62 -9.71
CA THR A 86 -29.83 15.69 -9.16
C THR A 86 -29.96 14.35 -9.86
N ASN A 87 -28.84 13.78 -10.26
CA ASN A 87 -28.81 12.50 -10.96
C ASN A 87 -27.98 11.50 -10.18
N MET A 88 -28.54 10.32 -9.94
CA MET A 88 -27.79 9.16 -9.45
C MET A 88 -27.97 8.06 -10.48
N LYS A 89 -26.92 7.74 -11.21
CA LYS A 89 -27.03 6.77 -12.28
C LYS A 89 -25.88 5.78 -12.22
N HIS A 90 -26.17 4.53 -12.58
CA HIS A 90 -25.16 3.48 -12.74
C HIS A 90 -24.36 3.26 -11.46
N MET A 91 -25.05 3.17 -10.34
CA MET A 91 -24.36 3.07 -9.07
C MET A 91 -24.86 1.85 -8.31
N ALA A 92 -23.98 1.26 -7.51
CA ALA A 92 -24.31 0.06 -6.74
C ALA A 92 -23.81 0.21 -5.32
N GLY A 93 -24.58 -0.31 -4.36
CA GLY A 93 -24.09 -0.32 -2.99
C GLY A 93 -22.92 -1.26 -2.82
N ALA A 94 -22.99 -2.45 -3.39
CA ALA A 94 -21.90 -3.41 -3.35
C ALA A 94 -21.99 -4.28 -4.60
N ALA A 95 -20.87 -4.48 -5.27
CA ALA A 95 -20.81 -5.26 -6.49
C ALA A 95 -19.71 -6.29 -6.37
N ALA A 96 -20.02 -7.54 -6.70
CA ALA A 96 -19.04 -8.62 -6.63
C ALA A 96 -19.14 -9.45 -7.90
N ALA A 97 -18.00 -9.71 -8.52
CA ALA A 97 -17.92 -10.58 -9.69
C ALA A 97 -16.81 -11.58 -9.41
N GLY A 98 -17.18 -12.77 -8.95
CA GLY A 98 -16.21 -13.76 -8.55
C GLY A 98 -16.41 -15.06 -9.31
N ALA A 99 -15.47 -15.96 -9.11
CA ALA A 99 -15.52 -17.26 -9.77
C ALA A 99 -14.62 -18.22 -9.02
N VAL A 100 -15.13 -19.42 -8.77
CA VAL A 100 -14.34 -20.50 -8.21
C VAL A 100 -14.26 -21.60 -9.26
N VAL A 101 -13.08 -21.80 -9.83
CA VAL A 101 -12.91 -22.70 -10.95
C VAL A 101 -11.89 -23.77 -10.58
N GLY A 102 -12.03 -24.94 -11.17
CA GLY A 102 -11.02 -25.96 -11.07
C GLY A 102 -11.64 -27.30 -10.77
N GLY A 103 -10.79 -28.24 -10.37
CA GLY A 103 -11.25 -29.61 -10.20
C GLY A 103 -12.39 -29.74 -9.22
N LEU A 104 -12.32 -29.02 -8.10
CA LEU A 104 -13.38 -29.03 -7.09
C LEU A 104 -13.77 -30.45 -6.70
N GLY A 105 -12.78 -31.32 -6.51
CA GLY A 105 -13.04 -32.66 -6.06
C GLY A 105 -13.42 -33.64 -7.15
N GLY A 106 -13.44 -33.23 -8.41
CA GLY A 106 -13.85 -34.09 -9.50
C GLY A 106 -12.70 -34.40 -10.44
N TYR A 107 -13.01 -35.20 -11.45
CA TYR A 107 -12.03 -35.72 -12.40
C TYR A 107 -12.38 -35.22 -13.78
N MET A 108 -11.66 -34.22 -14.26
CA MET A 108 -11.98 -33.56 -15.50
C MET A 108 -10.85 -33.74 -16.49
N LEU A 109 -11.18 -34.06 -17.73
CA LEU A 109 -10.19 -34.13 -18.80
C LEU A 109 -10.49 -33.03 -19.82
N GLY A 110 -10.77 -31.84 -19.32
CA GLY A 110 -11.00 -30.71 -20.18
C GLY A 110 -10.75 -29.42 -19.44
N SER A 111 -10.91 -28.33 -20.16
CA SER A 111 -10.69 -27.01 -19.62
C SER A 111 -11.95 -26.52 -18.92
N ALA A 112 -11.77 -25.94 -17.75
CA ALA A 112 -12.85 -25.28 -17.03
C ALA A 112 -12.57 -23.78 -17.00
N MET A 113 -13.38 -23.01 -17.71
CA MET A 113 -13.26 -21.56 -17.68
C MET A 113 -14.55 -20.91 -17.18
N SER A 114 -14.40 -19.68 -16.72
CA SER A 114 -15.50 -18.93 -16.13
C SER A 114 -15.22 -17.45 -16.28
N ARG A 115 -16.15 -16.73 -16.90
CA ARG A 115 -15.97 -15.31 -17.18
C ARG A 115 -17.19 -14.53 -16.71
N PRO A 116 -17.35 -14.36 -15.39
CA PRO A 116 -18.46 -13.54 -14.90
C PRO A 116 -18.22 -12.07 -15.20
N MET A 117 -19.19 -11.44 -15.84
CA MET A 117 -19.09 -10.05 -16.24
C MET A 117 -20.15 -9.24 -15.51
N MET A 118 -19.77 -8.07 -15.02
CA MET A 118 -20.72 -7.14 -14.45
C MET A 118 -20.49 -5.78 -15.07
N HIS A 119 -21.56 -5.15 -15.53
CA HIS A 119 -21.47 -3.90 -16.26
C HIS A 119 -22.53 -2.96 -15.72
N PHE A 120 -22.13 -1.74 -15.39
CA PHE A 120 -23.05 -0.77 -14.82
C PHE A 120 -23.76 0.06 -15.88
N GLY A 121 -23.41 -0.12 -17.13
CA GLY A 121 -24.10 0.56 -18.21
C GLY A 121 -23.41 1.84 -18.63
N ASN A 122 -23.50 2.15 -19.92
CA ASN A 122 -22.89 3.34 -20.50
C ASN A 122 -23.89 4.49 -20.48
N ASP A 123 -23.51 5.55 -19.77
CA ASP A 123 -24.28 6.79 -19.75
C ASP A 123 -25.73 6.57 -19.35
N GLY B 73 6.03 -31.88 -26.92
CA GLY B 73 6.58 -32.99 -26.15
C GLY B 73 5.56 -33.61 -25.21
N THR B 74 5.85 -34.84 -24.78
CA THR B 74 4.94 -35.53 -23.87
C THR B 74 5.00 -34.99 -22.46
N HIS B 75 3.88 -35.09 -21.76
CA HIS B 75 3.73 -34.69 -20.38
C HIS B 75 3.08 -35.83 -19.62
N ASN B 76 3.71 -36.27 -18.53
CA ASN B 76 3.22 -37.40 -17.77
C ASN B 76 3.13 -37.02 -16.31
N GLN B 77 2.07 -37.44 -15.64
CA GLN B 77 1.90 -37.21 -14.22
C GLN B 77 1.35 -38.47 -13.58
N TRP B 78 2.07 -39.01 -12.61
CA TRP B 78 1.60 -40.13 -11.82
C TRP B 78 1.18 -39.62 -10.46
N ASN B 79 -0.10 -39.67 -10.18
CA ASN B 79 -0.64 -39.23 -8.90
C ASN B 79 -1.03 -40.46 -8.09
N LYS B 80 -0.32 -40.72 -7.00
CA LYS B 80 -0.61 -41.85 -6.12
C LYS B 80 -0.73 -41.37 -4.68
N PRO B 81 -1.84 -40.73 -4.34
CA PRO B 81 -2.15 -40.50 -2.93
C PRO B 81 -2.95 -41.65 -2.35
N SER B 82 -2.79 -41.89 -1.05
CA SER B 82 -3.58 -42.89 -0.36
C SER B 82 -4.34 -42.22 0.77
N LYS B 83 -5.66 -42.24 0.69
CA LYS B 83 -6.53 -41.54 1.61
C LYS B 83 -6.23 -40.04 1.69
N PRO B 84 -6.36 -39.32 0.58
CA PRO B 84 -6.24 -37.86 0.65
C PRO B 84 -7.57 -37.22 0.99
N LYS B 85 -7.59 -36.42 2.04
CA LYS B 85 -8.80 -35.73 2.44
C LYS B 85 -8.58 -34.24 2.36
N THR B 86 -9.45 -33.55 1.63
CA THR B 86 -9.27 -32.14 1.30
C THR B 86 -10.51 -31.38 1.70
N ASN B 87 -10.33 -30.23 2.36
CA ASN B 87 -11.43 -29.40 2.82
C ASN B 87 -11.31 -28.02 2.22
N MET B 88 -12.40 -27.54 1.62
CA MET B 88 -12.55 -26.14 1.24
C MET B 88 -13.78 -25.62 1.96
N LYS B 89 -13.59 -24.75 2.94
CA LYS B 89 -14.68 -24.28 3.75
C LYS B 89 -14.62 -22.77 3.92
N HIS B 90 -15.78 -22.14 3.96
CA HIS B 90 -15.92 -20.72 4.29
C HIS B 90 -15.11 -19.84 3.34
N MET B 91 -15.22 -20.10 2.05
CA MET B 91 -14.42 -19.39 1.08
C MET B 91 -15.32 -18.76 0.02
N ALA B 92 -14.88 -17.63 -0.53
CA ALA B 92 -15.64 -16.92 -1.53
C ALA B 92 -14.73 -16.48 -2.67
N GLY B 93 -15.24 -16.53 -3.89
CA GLY B 93 -14.47 -15.99 -5.00
C GLY B 93 -14.30 -14.49 -4.92
N ALA B 94 -15.37 -13.77 -4.60
CA ALA B 94 -15.33 -12.34 -4.41
C ALA B 94 -16.40 -11.95 -3.42
N ALA B 95 -16.05 -11.12 -2.45
CA ALA B 95 -16.97 -10.69 -1.43
C ALA B 95 -16.94 -9.17 -1.32
N ALA B 96 -18.11 -8.54 -1.32
CA ALA B 96 -18.21 -7.10 -1.22
C ALA B 96 -19.28 -6.74 -0.21
N ALA B 97 -18.95 -5.84 0.71
CA ALA B 97 -19.90 -5.33 1.70
C ALA B 97 -19.78 -3.81 1.65
N GLY B 98 -20.67 -3.17 0.90
CA GLY B 98 -20.60 -1.74 0.71
C GLY B 98 -21.88 -1.06 1.14
N ALA B 99 -21.84 0.26 1.13
CA ALA B 99 -22.98 1.07 1.52
C ALA B 99 -22.81 2.47 0.98
N VAL B 100 -23.87 3.01 0.39
CA VAL B 100 -23.92 4.39 -0.03
C VAL B 100 -24.99 5.08 0.80
N VAL B 101 -24.57 5.97 1.68
CA VAL B 101 -25.46 6.59 2.65
C VAL B 101 -25.43 8.09 2.48
N GLY B 102 -26.52 8.74 2.80
CA GLY B 102 -26.54 10.18 2.89
C GLY B 102 -27.76 10.74 2.20
N GLY B 103 -27.73 12.05 1.96
CA GLY B 103 -28.90 12.73 1.43
C GLY B 103 -29.37 12.16 0.11
N LEU B 104 -28.45 11.84 -0.79
CA LEU B 104 -28.78 11.25 -2.09
C LEU B 104 -29.87 12.04 -2.81
N GLY B 105 -29.76 13.36 -2.78
CA GLY B 105 -30.70 14.19 -3.49
C GLY B 105 -32.00 14.48 -2.77
N GLY B 106 -32.17 14.01 -1.54
CA GLY B 106 -33.39 14.20 -0.79
C GLY B 106 -33.20 15.09 0.41
N TYR B 107 -34.29 15.31 1.13
CA TYR B 107 -34.35 16.23 2.25
C TYR B 107 -34.71 15.46 3.49
N MET B 108 -33.73 15.19 4.33
CA MET B 108 -33.92 14.33 5.50
C MET B 108 -33.66 15.10 6.76
N LEU B 109 -34.53 14.95 7.75
CA LEU B 109 -34.31 15.53 9.07
C LEU B 109 -34.09 14.42 10.08
N GLY B 110 -33.29 13.45 9.71
CA GLY B 110 -32.96 12.37 10.61
C GLY B 110 -31.65 11.73 10.21
N SER B 111 -31.26 10.74 11.00
CA SER B 111 -30.02 10.04 10.78
C SER B 111 -30.23 8.91 9.79
N ALA B 112 -29.32 8.77 8.85
CA ALA B 112 -29.30 7.66 7.92
C ALA B 112 -28.10 6.79 8.21
N MET B 113 -28.33 5.59 8.72
CA MET B 113 -27.25 4.64 8.96
C MET B 113 -27.44 3.37 8.17
N SER B 114 -26.34 2.65 7.98
CA SER B 114 -26.32 1.43 7.18
C SER B 114 -25.17 0.55 7.64
N ARG B 115 -25.49 -0.68 8.02
CA ARG B 115 -24.49 -1.61 8.57
C ARG B 115 -24.57 -2.94 7.83
N PRO B 116 -24.11 -3.00 6.58
CA PRO B 116 -24.08 -4.28 5.88
C PRO B 116 -23.02 -5.20 6.48
N MET B 117 -23.43 -6.39 6.84
CA MET B 117 -22.55 -7.37 7.46
C MET B 117 -22.42 -8.58 6.55
N MET B 118 -21.21 -9.08 6.41
CA MET B 118 -20.98 -10.33 5.71
C MET B 118 -20.10 -11.21 6.57
N HIS B 119 -20.51 -12.46 6.74
CA HIS B 119 -19.85 -13.38 7.64
C HIS B 119 -19.70 -14.72 6.95
N PHE B 120 -18.49 -15.25 6.95
CA PHE B 120 -18.21 -16.51 6.26
C PHE B 120 -18.45 -17.72 7.14
N GLY B 121 -18.80 -17.52 8.40
CA GLY B 121 -19.13 -18.62 9.27
C GLY B 121 -17.96 -19.11 10.08
N ASN B 122 -18.26 -19.56 11.30
CA ASN B 122 -17.25 -20.05 12.24
C ASN B 122 -17.09 -21.56 12.06
N ASP B 123 -15.88 -21.97 11.70
CA ASP B 123 -15.50 -23.37 11.62
C ASP B 123 -16.44 -24.17 10.72
N GLY C 73 -25.18 24.14 22.43
CA GLY C 73 -25.32 25.40 21.72
C GLY C 73 -26.07 25.26 20.41
N THR C 74 -26.58 26.38 19.92
CA THR C 74 -27.33 26.36 18.67
C THR C 74 -26.43 26.20 17.45
N HIS C 75 -26.98 25.60 16.41
CA HIS C 75 -26.31 25.38 15.14
C HIS C 75 -27.25 25.85 14.04
N ASN C 76 -26.78 26.74 13.18
CA ASN C 76 -27.60 27.30 12.12
C ASN C 76 -26.88 27.15 10.79
N GLN C 77 -27.63 26.81 9.76
CA GLN C 77 -27.08 26.71 8.41
C GLN C 77 -28.07 27.30 7.44
N TRP C 78 -27.65 28.31 6.69
CA TRP C 78 -28.45 28.89 5.63
C TRP C 78 -27.89 28.41 4.30
N ASN C 79 -28.65 27.60 3.60
CA ASN C 79 -28.25 27.09 2.30
C ASN C 79 -29.07 27.79 1.23
N LYS C 80 -28.41 28.60 0.41
CA LYS C 80 -29.07 29.33 -0.67
C LYS C 80 -28.32 29.10 -1.98
N PRO C 81 -28.47 27.91 -2.57
CA PRO C 81 -28.02 27.72 -3.95
C PRO C 81 -29.13 28.06 -4.93
N SER C 82 -28.74 28.50 -6.12
CA SER C 82 -29.69 28.77 -7.19
C SER C 82 -29.32 27.91 -8.38
N LYS C 83 -30.20 27.00 -8.76
CA LYS C 83 -29.96 26.02 -9.81
C LYS C 83 -28.72 25.16 -9.53
N PRO C 84 -28.68 24.42 -8.42
CA PRO C 84 -27.59 23.49 -8.23
C PRO C 84 -27.87 22.15 -8.89
N LYS C 85 -26.97 21.72 -9.75
CA LYS C 85 -27.14 20.43 -10.42
C LYS C 85 -25.99 19.51 -10.04
N THR C 86 -26.33 18.33 -9.55
CA THR C 86 -25.36 17.42 -8.96
C THR C 86 -25.48 16.06 -9.62
N ASN C 87 -24.36 15.47 -10.00
CA ASN C 87 -24.34 14.17 -10.67
C ASN C 87 -23.51 13.19 -9.86
N MET C 88 -24.08 12.03 -9.58
CA MET C 88 -23.35 10.88 -9.07
C MET C 88 -23.53 9.74 -10.07
N LYS C 89 -22.47 9.40 -10.78
CA LYS C 89 -22.58 8.40 -11.83
C LYS C 89 -21.43 7.41 -11.73
N HIS C 90 -21.73 6.16 -12.06
CA HIS C 90 -20.73 5.10 -12.18
C HIS C 90 -19.93 4.91 -10.90
N MET C 91 -20.63 4.85 -9.77
CA MET C 91 -19.96 4.77 -8.49
C MET C 91 -20.47 3.57 -7.72
N ALA C 92 -19.61 3.00 -6.88
CA ALA C 92 -19.96 1.83 -6.09
C ALA C 92 -19.46 2.01 -4.66
N GLY C 93 -20.23 1.52 -3.71
CA GLY C 93 -19.77 1.52 -2.33
C GLY C 93 -18.60 0.60 -2.11
N ALA C 94 -18.67 -0.61 -2.66
CA ALA C 94 -17.59 -1.58 -2.59
C ALA C 94 -17.67 -2.47 -3.81
N ALA C 95 -16.55 -2.69 -4.46
CA ALA C 95 -16.48 -3.50 -5.67
C ALA C 95 -15.38 -4.54 -5.51
N ALA C 96 -15.70 -5.79 -5.81
CA ALA C 96 -14.73 -6.87 -5.71
C ALA C 96 -14.82 -7.74 -6.95
N ALA C 97 -13.67 -8.03 -7.55
CA ALA C 97 -13.58 -8.92 -8.71
C ALA C 97 -12.49 -9.92 -8.40
N GLY C 98 -12.87 -11.09 -7.89
CA GLY C 98 -11.90 -12.08 -7.47
C GLY C 98 -12.11 -13.39 -8.19
N ALA C 99 -11.18 -14.30 -7.97
CA ALA C 99 -11.22 -15.61 -8.58
C ALA C 99 -10.33 -16.56 -7.81
N VAL C 100 -10.85 -17.75 -7.53
CA VAL C 100 -10.07 -18.82 -6.94
C VAL C 100 -9.99 -19.94 -7.96
N VAL C 101 -8.81 -20.17 -8.51
CA VAL C 101 -8.62 -21.10 -9.61
C VAL C 101 -7.62 -22.15 -9.20
N GLY C 102 -7.77 -23.34 -9.77
CA GLY C 102 -6.77 -24.37 -9.63
C GLY C 102 -7.39 -25.70 -9.30
N GLY C 103 -6.55 -26.63 -8.87
CA GLY C 103 -7.02 -27.99 -8.66
C GLY C 103 -8.18 -28.09 -7.70
N LEU C 104 -8.11 -27.35 -6.59
CA LEU C 104 -9.17 -27.33 -5.59
C LEU C 104 -9.58 -28.73 -5.17
N GLY C 105 -8.59 -29.60 -4.95
CA GLY C 105 -8.87 -30.94 -4.47
C GLY C 105 -9.25 -31.94 -5.53
N GLY C 106 -9.26 -31.56 -6.80
CA GLY C 106 -9.64 -32.45 -7.88
C GLY C 106 -8.49 -32.79 -8.80
N TYR C 107 -8.79 -33.60 -9.79
CA TYR C 107 -7.81 -34.16 -10.70
C TYR C 107 -8.14 -33.69 -12.11
N MET C 108 -7.40 -32.70 -12.60
CA MET C 108 -7.72 -32.08 -13.87
C MET C 108 -6.57 -32.28 -14.84
N LEU C 109 -6.90 -32.64 -16.08
CA LEU C 109 -5.90 -32.74 -17.14
C LEU C 109 -6.18 -31.66 -18.18
N GLY C 110 -6.46 -30.47 -17.72
CA GLY C 110 -6.68 -29.35 -18.61
C GLY C 110 -6.42 -28.05 -17.90
N SER C 111 -6.57 -26.97 -18.66
CA SER C 111 -6.35 -25.64 -18.14
C SER C 111 -7.61 -25.12 -17.47
N ALA C 112 -7.44 -24.51 -16.30
CA ALA C 112 -8.52 -23.83 -15.61
C ALA C 112 -8.24 -22.34 -15.62
N MET C 113 -9.03 -21.58 -16.37
CA MET C 113 -8.91 -20.14 -16.36
C MET C 113 -10.19 -19.45 -15.90
N SER C 114 -10.04 -18.22 -15.46
CA SER C 114 -11.14 -17.44 -14.91
C SER C 114 -10.85 -15.97 -15.09
N ARG C 115 -11.77 -15.26 -15.74
CA ARG C 115 -11.59 -13.84 -16.05
C ARG C 115 -12.80 -13.05 -15.60
N PRO C 116 -12.98 -12.85 -14.31
CA PRO C 116 -14.08 -12.01 -13.84
C PRO C 116 -13.83 -10.56 -14.17
N MET C 117 -14.79 -9.93 -14.84
CA MET C 117 -14.69 -8.55 -15.27
C MET C 117 -15.75 -7.73 -14.57
N MET C 118 -15.38 -6.55 -14.13
CA MET C 118 -16.33 -5.60 -13.58
C MET C 118 -16.08 -4.25 -14.23
N HIS C 119 -17.13 -3.62 -14.72
CA HIS C 119 -17.03 -2.39 -15.48
C HIS C 119 -18.09 -1.43 -14.98
N PHE C 120 -17.69 -0.20 -14.67
CA PHE C 120 -18.61 0.78 -14.13
C PHE C 120 -19.30 1.58 -15.22
N GLY C 121 -18.94 1.38 -16.47
CA GLY C 121 -19.61 2.03 -17.57
C GLY C 121 -18.92 3.30 -18.01
N ASN C 122 -18.99 3.57 -19.30
CA ASN C 122 -18.37 4.75 -19.91
C ASN C 122 -19.36 5.90 -19.93
N ASP C 123 -18.98 6.98 -19.25
CA ASP C 123 -19.75 8.23 -19.27
C ASP C 123 -21.20 8.03 -18.87
N GLY D 73 10.47 -30.74 -25.15
CA GLY D 73 11.01 -31.83 -24.35
C GLY D 73 9.98 -32.43 -23.41
N THR D 74 10.25 -33.64 -22.94
CA THR D 74 9.33 -34.31 -22.04
C THR D 74 9.37 -33.72 -20.63
N HIS D 75 8.24 -33.82 -19.95
CA HIS D 75 8.08 -33.37 -18.57
C HIS D 75 7.42 -34.50 -17.80
N ASN D 76 8.04 -34.91 -16.70
CA ASN D 76 7.53 -36.02 -15.90
C ASN D 76 7.43 -35.59 -14.46
N GLN D 77 6.35 -36.00 -13.80
CA GLN D 77 6.18 -35.73 -12.38
C GLN D 77 5.61 -36.97 -11.72
N TRP D 78 6.31 -37.49 -10.73
CA TRP D 78 5.83 -38.60 -9.92
C TRP D 78 5.41 -38.04 -8.57
N ASN D 79 4.11 -38.09 -8.30
CA ASN D 79 3.57 -37.61 -7.04
C ASN D 79 3.15 -38.82 -6.21
N LYS D 80 3.85 -39.05 -5.10
CA LYS D 80 3.55 -40.16 -4.21
C LYS D 80 3.42 -39.65 -2.78
N PRO D 81 2.30 -38.99 -2.46
CA PRO D 81 1.98 -38.72 -1.06
C PRO D 81 1.17 -39.86 -0.47
N SER D 82 1.31 -40.05 0.84
CA SER D 82 0.51 -41.06 1.55
C SER D 82 -0.25 -40.35 2.66
N LYS D 83 -1.57 -40.36 2.56
CA LYS D 83 -2.46 -39.63 3.46
C LYS D 83 -2.15 -38.13 3.50
N PRO D 84 -2.25 -37.44 2.36
CA PRO D 84 -2.13 -35.98 2.40
C PRO D 84 -3.46 -35.33 2.71
N LYS D 85 -3.48 -34.50 3.74
CA LYS D 85 -4.70 -33.80 4.11
C LYS D 85 -4.47 -32.29 4.01
N THR D 86 -5.33 -31.64 3.24
CA THR D 86 -5.14 -30.24 2.89
C THR D 86 -6.38 -29.45 3.25
N ASN D 87 -6.19 -28.30 3.88
CA ASN D 87 -7.31 -27.45 4.31
C ASN D 87 -7.17 -26.07 3.68
N MET D 88 -8.25 -25.61 3.05
CA MET D 88 -8.38 -24.22 2.64
C MET D 88 -9.62 -23.67 3.34
N LYS D 89 -9.43 -22.79 4.30
CA LYS D 89 -10.54 -22.29 5.09
C LYS D 89 -10.46 -20.78 5.22
N HIS D 90 -11.62 -20.14 5.23
CA HIS D 90 -11.75 -18.71 5.52
C HIS D 90 -10.93 -17.86 4.56
N MET D 91 -11.04 -18.15 3.28
CA MET D 91 -10.21 -17.46 2.30
C MET D 91 -11.10 -16.85 1.22
N ALA D 92 -10.65 -15.75 0.65
CA ALA D 92 -11.40 -15.06 -0.39
C ALA D 92 -10.47 -14.66 -1.51
N GLY D 93 -10.97 -14.72 -2.75
CA GLY D 93 -10.19 -14.22 -3.87
C GLY D 93 -10.01 -12.71 -3.82
N ALA D 94 -11.07 -11.99 -3.53
CA ALA D 94 -11.03 -10.54 -3.38
C ALA D 94 -12.11 -10.13 -2.40
N ALA D 95 -11.77 -9.27 -1.45
CA ALA D 95 -12.71 -8.81 -0.44
C ALA D 95 -12.66 -7.30 -0.39
N ALA D 96 -13.82 -6.66 -0.40
CA ALA D 96 -13.91 -5.21 -0.34
C ALA D 96 -14.99 -4.82 0.65
N ALA D 97 -14.67 -3.90 1.55
CA ALA D 97 -15.63 -3.36 2.50
C ALA D 97 -15.51 -1.86 2.43
N GLY D 98 -16.38 -1.21 1.66
CA GLY D 98 -16.30 0.20 1.44
C GLY D 98 -17.58 0.90 1.84
N ALA D 99 -17.53 2.22 1.79
CA ALA D 99 -18.68 3.03 2.15
C ALA D 99 -18.49 4.42 1.58
N VAL D 100 -19.55 4.95 0.97
CA VAL D 100 -19.58 6.33 0.51
C VAL D 100 -20.65 7.04 1.31
N VAL D 101 -20.24 7.95 2.17
CA VAL D 101 -21.14 8.59 3.12
C VAL D 101 -21.09 10.09 2.91
N GLY D 102 -22.19 10.76 3.20
CA GLY D 102 -22.21 12.20 3.25
C GLY D 102 -23.41 12.75 2.53
N GLY D 103 -23.38 14.06 2.27
CA GLY D 103 -24.53 14.72 1.71
C GLY D 103 -25.00 14.12 0.40
N LEU D 104 -24.07 13.78 -0.48
CA LEU D 104 -24.39 13.16 -1.77
C LEU D 104 -25.46 13.93 -2.52
N GLY D 105 -25.35 15.26 -2.52
CA GLY D 105 -26.27 16.07 -3.27
C GLY D 105 -27.58 16.39 -2.57
N GLY D 106 -27.76 15.95 -1.32
CA GLY D 106 -29.00 16.16 -0.61
C GLY D 106 -28.81 17.09 0.58
N TYR D 107 -29.91 17.32 1.28
CA TYR D 107 -29.98 18.27 2.38
C TYR D 107 -30.36 17.53 3.65
N MET D 108 -29.38 17.27 4.50
CA MET D 108 -29.58 16.44 5.67
C MET D 108 -29.34 17.25 6.93
N LEU D 109 -30.22 17.12 7.92
CA LEU D 109 -30.01 17.74 9.22
C LEU D 109 -29.81 16.65 10.26
N GLY D 110 -29.01 15.67 9.92
CA GLY D 110 -28.69 14.61 10.86
C GLY D 110 -27.38 13.95 10.48
N SER D 111 -27.01 12.99 11.30
CA SER D 111 -25.76 12.26 11.10
C SER D 111 -25.98 11.11 10.13
N ALA D 112 -25.05 10.95 9.21
CA ALA D 112 -25.04 9.81 8.31
C ALA D 112 -23.84 8.95 8.65
N MET D 113 -24.08 7.76 9.18
CA MET D 113 -23.01 6.82 9.44
C MET D 113 -23.20 5.52 8.69
N SER D 114 -22.10 4.79 8.52
CA SER D 114 -22.08 3.55 7.76
C SER D 114 -20.94 2.69 8.26
N ARG D 115 -21.26 1.47 8.66
CA ARG D 115 -20.29 0.54 9.24
C ARG D 115 -20.37 -0.81 8.53
N PRO D 116 -19.88 -0.90 7.29
CA PRO D 116 -19.85 -2.20 6.63
C PRO D 116 -18.80 -3.10 7.25
N MET D 117 -19.22 -4.30 7.64
CA MET D 117 -18.35 -5.25 8.29
C MET D 117 -18.22 -6.49 7.43
N MET D 118 -17.01 -7.00 7.31
CA MET D 118 -16.78 -8.26 6.63
C MET D 118 -15.92 -9.13 7.52
N HIS D 119 -16.34 -10.37 7.72
CA HIS D 119 -15.69 -11.27 8.66
C HIS D 119 -15.53 -12.62 7.99
N PHE D 120 -14.32 -13.16 8.02
CA PHE D 120 -14.05 -14.44 7.36
C PHE D 120 -14.31 -15.62 8.27
N GLY D 121 -14.66 -15.40 9.51
CA GLY D 121 -15.02 -16.47 10.42
C GLY D 121 -13.85 -16.95 11.25
N ASN D 122 -14.17 -17.36 12.48
CA ASN D 122 -13.18 -17.84 13.43
C ASN D 122 -13.01 -19.35 13.29
N ASP D 123 -11.81 -19.77 12.96
CA ASP D 123 -11.43 -21.19 12.91
C ASP D 123 -12.37 -21.99 12.03
N GLY E 73 -20.95 26.62 22.46
CA GLY E 73 -21.08 27.86 21.73
C GLY E 73 -21.82 27.70 20.42
N THR E 74 -22.32 28.81 19.89
CA THR E 74 -23.06 28.77 18.62
C THR E 74 -22.14 28.57 17.43
N HIS E 75 -22.68 27.94 16.40
CA HIS E 75 -22.01 27.69 15.13
C HIS E 75 -22.94 28.14 14.02
N ASN E 76 -22.45 29.00 13.14
CA ASN E 76 -23.26 29.53 12.06
C ASN E 76 -22.52 29.36 10.74
N GLN E 77 -23.26 28.98 9.71
CA GLN E 77 -22.70 28.86 8.37
C GLN E 77 -23.69 29.43 7.38
N TRP E 78 -23.25 30.42 6.61
CA TRP E 78 -24.03 30.98 5.52
C TRP E 78 -23.46 30.47 4.21
N ASN E 79 -24.22 29.63 3.52
CA ASN E 79 -23.81 29.09 2.24
C ASN E 79 -24.62 29.77 1.14
N LYS E 80 -23.95 30.56 0.32
CA LYS E 80 -24.59 31.26 -0.79
C LYS E 80 -23.83 30.99 -2.09
N PRO E 81 -23.98 29.80 -2.65
CA PRO E 81 -23.51 29.57 -4.02
C PRO E 81 -24.60 29.88 -5.03
N SER E 82 -24.21 30.29 -6.21
CA SER E 82 -25.15 30.55 -7.30
C SER E 82 -24.77 29.66 -8.47
N LYS E 83 -25.66 28.73 -8.83
CA LYS E 83 -25.41 27.73 -9.85
C LYS E 83 -24.17 26.88 -9.54
N PRO E 84 -24.14 26.16 -8.42
CA PRO E 84 -23.06 25.22 -8.18
C PRO E 84 -23.35 23.88 -8.82
N LYS E 85 -22.43 23.41 -9.65
CA LYS E 85 -22.60 22.12 -10.30
C LYS E 85 -21.47 21.20 -9.89
N THR E 86 -21.82 20.03 -9.36
CA THR E 86 -20.86 19.13 -8.74
C THR E 86 -20.99 17.76 -9.38
N ASN E 87 -19.87 17.15 -9.73
CA ASN E 87 -19.84 15.84 -10.36
C ASN E 87 -19.03 14.87 -9.52
N MET E 88 -19.61 13.71 -9.22
CA MET E 88 -18.89 12.57 -8.68
C MET E 88 -19.06 11.42 -9.65
N LYS E 89 -18.00 11.05 -10.34
CA LYS E 89 -18.09 10.03 -11.36
C LYS E 89 -16.96 9.03 -11.22
N HIS E 90 -17.26 7.78 -11.53
CA HIS E 90 -16.26 6.71 -11.62
C HIS E 90 -15.48 6.55 -10.31
N MET E 91 -16.19 6.52 -9.20
CA MET E 91 -15.54 6.47 -7.92
C MET E 91 -16.06 5.29 -7.11
N ALA E 92 -15.21 4.73 -6.25
CA ALA E 92 -15.57 3.59 -5.44
C ALA E 92 -15.10 3.80 -4.01
N GLY E 93 -15.88 3.34 -3.05
CA GLY E 93 -15.43 3.37 -1.67
C GLY E 93 -14.26 2.44 -1.42
N ALA E 94 -14.34 1.23 -1.94
CA ALA E 94 -13.27 0.26 -1.83
C ALA E 94 -13.34 -0.66 -3.03
N ALA E 95 -12.20 -0.91 -3.67
CA ALA E 95 -12.14 -1.75 -4.84
C ALA E 95 -11.04 -2.79 -4.65
N ALA E 96 -11.36 -4.05 -4.92
CA ALA E 96 -10.40 -5.13 -4.79
C ALA E 96 -10.48 -6.03 -6.01
N ALA E 97 -9.33 -6.34 -6.59
CA ALA E 97 -9.24 -7.27 -7.72
C ALA E 97 -8.14 -8.25 -7.37
N GLY E 98 -8.54 -9.41 -6.85
CA GLY E 98 -7.59 -10.40 -6.39
C GLY E 98 -7.79 -11.72 -7.08
N ALA E 99 -6.87 -12.63 -6.82
CA ALA E 99 -6.92 -13.96 -7.41
C ALA E 99 -6.04 -14.89 -6.60
N VAL E 100 -6.57 -16.07 -6.30
CA VAL E 100 -5.80 -17.14 -5.67
C VAL E 100 -5.72 -18.28 -6.67
N VAL E 101 -4.53 -18.52 -7.19
CA VAL E 101 -4.33 -19.48 -8.27
C VAL E 101 -3.34 -20.54 -7.82
N GLY E 102 -3.49 -21.74 -8.36
CA GLY E 102 -2.50 -22.76 -8.19
C GLY E 102 -3.13 -24.08 -7.84
N GLY E 103 -2.30 -25.01 -7.37
CA GLY E 103 -2.78 -26.36 -7.14
C GLY E 103 -3.94 -26.43 -6.18
N LEU E 104 -3.89 -25.66 -5.09
CA LEU E 104 -4.96 -25.60 -4.10
C LEU E 104 -5.38 -27.00 -3.65
N GLY E 105 -4.40 -27.86 -3.41
CA GLY E 105 -4.68 -29.18 -2.89
C GLY E 105 -5.07 -30.21 -3.93
N GLY E 106 -5.05 -29.87 -5.21
CA GLY E 106 -5.43 -30.78 -6.27
C GLY E 106 -4.28 -31.14 -7.17
N TYR E 107 -4.58 -31.98 -8.14
CA TYR E 107 -3.59 -32.56 -9.04
C TYR E 107 -3.90 -32.13 -10.46
N MET E 108 -3.15 -31.16 -10.97
CA MET E 108 -3.45 -30.56 -12.25
C MET E 108 -2.30 -30.80 -13.21
N LEU E 109 -2.62 -31.19 -14.44
CA LEU E 109 -1.60 -31.32 -15.49
C LEU E 109 -1.86 -30.26 -16.56
N GLY E 110 -2.14 -29.05 -16.13
CA GLY E 110 -2.34 -27.96 -17.05
C GLY E 110 -2.10 -26.65 -16.37
N SER E 111 -2.23 -25.58 -17.15
CA SER E 111 -2.00 -24.24 -16.67
C SER E 111 -3.26 -23.70 -16.03
N ALA E 112 -3.11 -23.06 -14.87
CA ALA E 112 -4.18 -22.36 -14.21
C ALA E 112 -3.90 -20.87 -14.25
N MET E 113 -4.68 -20.13 -15.02
CA MET E 113 -4.55 -18.68 -15.05
C MET E 113 -5.83 -17.99 -14.61
N SER E 114 -5.68 -16.73 -14.21
CA SER E 114 -6.78 -15.95 -13.68
C SER E 114 -6.48 -14.48 -13.90
N ARG E 115 -7.39 -13.78 -14.57
CA ARG E 115 -7.20 -12.37 -14.93
C ARG E 115 -8.41 -11.57 -14.51
N PRO E 116 -8.60 -11.33 -13.21
CA PRO E 116 -9.70 -10.47 -12.79
C PRO E 116 -9.44 -9.02 -13.15
N MET E 117 -10.40 -8.41 -13.84
CA MET E 117 -10.27 -7.04 -14.30
C MET E 117 -11.34 -6.19 -13.64
N MET E 118 -10.96 -5.00 -13.21
CA MET E 118 -11.91 -4.04 -12.70
C MET E 118 -11.64 -2.71 -13.38
N HIS E 119 -12.70 -2.10 -13.89
CA HIS E 119 -12.58 -0.89 -14.68
C HIS E 119 -13.63 0.10 -14.22
N PHE E 120 -13.23 1.32 -13.93
CA PHE E 120 -14.15 2.33 -13.43
C PHE E 120 -14.82 3.11 -14.54
N GLY E 121 -14.46 2.87 -15.79
CA GLY E 121 -15.11 3.50 -16.91
C GLY E 121 -14.41 4.76 -17.38
N ASN E 122 -14.47 5.00 -18.68
CA ASN E 122 -13.84 6.15 -19.31
C ASN E 122 -14.81 7.31 -19.36
N ASP E 123 -14.45 8.40 -18.71
CA ASP E 123 -15.20 9.66 -18.76
C ASP E 123 -16.66 9.47 -18.38
N GLY F 73 14.88 -29.60 -23.36
CA GLY F 73 15.40 -30.67 -22.52
C GLY F 73 14.36 -31.24 -21.59
N THR F 74 14.62 -32.44 -21.07
CA THR F 74 13.68 -33.09 -20.17
C THR F 74 13.72 -32.47 -18.78
N HIS F 75 12.57 -32.53 -18.10
CA HIS F 75 12.41 -32.06 -16.73
C HIS F 75 11.74 -33.16 -15.95
N ASN F 76 12.33 -33.55 -14.83
CA ASN F 76 11.81 -34.63 -14.01
C ASN F 76 11.69 -34.17 -12.57
N GLN F 77 10.61 -34.55 -11.92
CA GLN F 77 10.43 -34.26 -10.51
C GLN F 77 9.84 -35.47 -9.82
N TRP F 78 10.54 -35.96 -8.81
CA TRP F 78 10.04 -37.05 -7.97
C TRP F 78 9.60 -36.46 -6.65
N ASN F 79 8.31 -36.49 -6.39
CA ASN F 79 7.75 -35.98 -5.15
C ASN F 79 7.33 -37.17 -4.29
N LYS F 80 8.01 -37.37 -3.17
CA LYS F 80 7.70 -38.46 -2.24
C LYS F 80 7.55 -37.91 -0.84
N PRO F 81 6.44 -37.24 -0.55
CA PRO F 81 6.11 -36.94 0.85
C PRO F 81 5.28 -38.05 1.46
N SER F 82 5.39 -38.22 2.77
CA SER F 82 4.59 -39.19 3.50
C SER F 82 3.82 -38.45 4.58
N LYS F 83 2.50 -38.46 4.46
CA LYS F 83 1.61 -37.70 5.34
C LYS F 83 1.92 -36.21 5.34
N PRO F 84 1.84 -35.54 4.19
CA PRO F 84 1.97 -34.08 4.19
C PRO F 84 0.63 -33.42 4.47
N LYS F 85 0.61 -32.56 5.49
CA LYS F 85 -0.61 -31.85 5.81
C LYS F 85 -0.38 -30.35 5.68
N THR F 86 -1.22 -29.70 4.89
CA THR F 86 -1.01 -28.32 4.50
C THR F 86 -2.26 -27.52 4.83
N ASN F 87 -2.08 -26.35 5.44
CA ASN F 87 -3.18 -25.48 5.83
C ASN F 87 -3.04 -24.13 5.16
N MET F 88 -4.11 -23.67 4.51
CA MET F 88 -4.23 -22.29 4.07
C MET F 88 -5.47 -21.72 4.73
N LYS F 89 -5.29 -20.81 5.68
CA LYS F 89 -6.41 -20.29 6.44
C LYS F 89 -6.32 -18.77 6.54
N HIS F 90 -7.48 -18.13 6.52
CA HIS F 90 -7.60 -16.70 6.76
C HIS F 90 -6.77 -15.88 5.80
N MET F 91 -6.86 -16.20 4.52
CA MET F 91 -6.02 -15.54 3.53
C MET F 91 -6.90 -14.96 2.43
N ALA F 92 -6.44 -13.87 1.83
CA ALA F 92 -7.17 -13.20 0.77
C ALA F 92 -6.23 -12.83 -0.36
N GLY F 93 -6.71 -12.92 -1.58
CA GLY F 93 -5.92 -12.46 -2.71
C GLY F 93 -5.73 -10.95 -2.69
N ALA F 94 -6.80 -10.21 -2.43
CA ALA F 94 -6.74 -8.76 -2.32
C ALA F 94 -7.83 -8.32 -1.37
N ALA F 95 -7.50 -7.44 -0.44
CA ALA F 95 -8.44 -6.94 0.54
C ALA F 95 -8.40 -5.44 0.57
N ALA F 96 -9.55 -4.79 0.52
CA ALA F 96 -9.64 -3.34 0.54
C ALA F 96 -10.72 -2.92 1.52
N ALA F 97 -10.41 -1.98 2.40
CA ALA F 97 -11.37 -1.41 3.33
C ALA F 97 -11.24 0.09 3.22
N GLY F 98 -12.10 0.71 2.42
CA GLY F 98 -12.01 2.13 2.16
C GLY F 98 -13.30 2.84 2.53
N ALA F 99 -13.24 4.16 2.45
CA ALA F 99 -14.38 4.98 2.78
C ALA F 99 -14.19 6.36 2.17
N VAL F 100 -15.23 6.88 1.54
CA VAL F 100 -15.26 8.25 1.05
C VAL F 100 -16.34 8.98 1.81
N VAL F 101 -15.92 9.91 2.67
CA VAL F 101 -16.84 10.58 3.58
C VAL F 101 -16.77 12.07 3.34
N GLY F 102 -17.87 12.75 3.59
CA GLY F 102 -17.88 14.20 3.61
C GLY F 102 -19.08 14.74 2.87
N GLY F 103 -19.02 16.03 2.57
CA GLY F 103 -20.18 16.69 1.98
C GLY F 103 -20.64 16.05 0.68
N LEU F 104 -19.69 15.69 -0.19
CA LEU F 104 -20.00 15.04 -1.45
C LEU F 104 -21.07 15.80 -2.23
N GLY F 105 -20.95 17.12 -2.26
CA GLY F 105 -21.86 17.93 -3.05
C GLY F 105 -23.17 18.26 -2.37
N GLY F 106 -23.37 17.85 -1.12
CA GLY F 106 -24.60 18.10 -0.41
C GLY F 106 -24.43 19.04 0.76
N TYR F 107 -25.54 19.30 1.44
CA TYR F 107 -25.61 20.28 2.51
C TYR F 107 -26.01 19.56 3.78
N MET F 108 -25.04 19.33 4.66
CA MET F 108 -25.27 18.54 5.84
C MET F 108 -25.02 19.37 7.08
N LEU F 109 -25.92 19.27 8.07
CA LEU F 109 -25.72 19.92 9.35
C LEU F 109 -25.54 18.86 10.43
N GLY F 110 -24.73 17.86 10.13
CA GLY F 110 -24.43 16.83 11.08
C GLY F 110 -23.13 16.15 10.74
N SER F 111 -22.75 15.21 11.58
CA SER F 111 -21.52 14.48 11.42
C SER F 111 -21.73 13.30 10.49
N ALA F 112 -20.80 13.11 9.57
CA ALA F 112 -20.78 11.94 8.69
C ALA F 112 -19.58 11.09 9.06
N MET F 113 -19.83 9.91 9.63
CA MET F 113 -18.77 8.97 9.93
C MET F 113 -18.96 7.66 9.21
N SER F 114 -17.87 6.92 9.07
CA SER F 114 -17.84 5.67 8.33
C SER F 114 -16.71 4.81 8.87
N ARG F 115 -17.04 3.59 9.30
CA ARG F 115 -16.08 2.68 9.90
C ARG F 115 -16.15 1.32 9.24
N PRO F 116 -15.66 1.20 8.01
CA PRO F 116 -15.63 -0.12 7.37
C PRO F 116 -14.59 -1.01 8.03
N MET F 117 -15.02 -2.20 8.44
CA MET F 117 -14.16 -3.15 9.13
C MET F 117 -14.03 -4.40 8.30
N MET F 118 -12.82 -4.92 8.21
CA MET F 118 -12.59 -6.21 7.56
C MET F 118 -11.74 -7.05 8.49
N HIS F 119 -12.17 -8.29 8.71
CA HIS F 119 -11.53 -9.16 9.67
C HIS F 119 -11.38 -10.53 9.04
N PHE F 120 -10.17 -11.08 9.10
CA PHE F 120 -9.90 -12.37 8.48
C PHE F 120 -10.18 -13.54 9.41
N GLY F 121 -10.54 -13.28 10.65
CA GLY F 121 -10.91 -14.32 11.58
C GLY F 121 -9.76 -14.78 12.44
N ASN F 122 -10.08 -15.17 13.66
CA ASN F 122 -9.11 -15.62 14.64
C ASN F 122 -8.95 -17.14 14.54
N ASP F 123 -7.74 -17.57 14.24
CA ASP F 123 -7.37 -18.99 14.22
C ASP F 123 -8.30 -19.81 13.36
N GLY G 73 -16.76 29.08 22.46
CA GLY G 73 -16.87 30.31 21.69
C GLY G 73 -17.60 30.12 20.38
N THR G 74 -18.09 31.22 19.81
CA THR G 74 -18.81 31.16 18.54
C THR G 74 -17.88 30.92 17.36
N HIS G 75 -18.42 30.27 16.34
CA HIS G 75 -17.73 29.98 15.10
C HIS G 75 -18.63 30.41 13.96
N ASN G 76 -18.13 31.24 13.06
CA ASN G 76 -18.92 31.75 11.96
C ASN G 76 -18.19 31.54 10.66
N GLN G 77 -18.91 31.16 9.62
CA GLN G 77 -18.34 30.99 8.30
C GLN G 77 -19.31 31.55 7.27
N TRP G 78 -18.85 32.51 6.49
CA TRP G 78 -19.62 33.05 5.38
C TRP G 78 -19.04 32.50 4.10
N ASN G 79 -19.79 31.65 3.41
CA ASN G 79 -19.38 31.07 2.15
C ASN G 79 -20.16 31.73 1.03
N LYS G 80 -19.48 32.50 0.19
CA LYS G 80 -20.10 33.17 -0.95
C LYS G 80 -19.33 32.87 -2.22
N PRO G 81 -19.48 31.67 -2.76
CA PRO G 81 -19.00 31.40 -4.11
C PRO G 81 -20.08 31.69 -5.14
N SER G 82 -19.66 32.07 -6.34
CA SER G 82 -20.59 32.30 -7.44
C SER G 82 -20.21 31.39 -8.59
N LYS G 83 -21.10 30.46 -8.93
CA LYS G 83 -20.84 29.42 -9.92
C LYS G 83 -19.61 28.57 -9.59
N PRO G 84 -19.61 27.89 -8.44
CA PRO G 84 -18.52 26.96 -8.16
C PRO G 84 -18.82 25.60 -8.77
N LYS G 85 -17.89 25.10 -9.59
CA LYS G 85 -18.07 23.79 -10.20
C LYS G 85 -16.94 22.88 -9.75
N THR G 86 -17.31 21.73 -9.20
CA THR G 86 -16.36 20.83 -8.56
C THR G 86 -16.49 19.45 -9.16
N ASN G 87 -15.35 18.82 -9.48
CA ASN G 87 -15.33 17.50 -10.08
C ASN G 87 -14.54 16.55 -9.20
N MET G 88 -15.13 15.40 -8.89
CA MET G 88 -14.42 14.28 -8.30
C MET G 88 -14.58 13.10 -9.24
N LYS G 89 -13.52 12.71 -9.92
CA LYS G 89 -13.61 11.67 -10.92
C LYS G 89 -12.47 10.67 -10.74
N HIS G 90 -12.78 9.40 -11.03
CA HIS G 90 -11.79 8.33 -11.07
C HIS G 90 -11.03 8.19 -9.77
N MET G 91 -11.75 8.20 -8.66
CA MET G 91 -11.10 8.17 -7.36
C MET G 91 -11.65 7.01 -6.54
N ALA G 92 -10.81 6.48 -5.65
CA ALA G 92 -11.19 5.36 -4.81
C ALA G 92 -10.72 5.60 -3.39
N GLY G 93 -11.52 5.17 -2.42
CA GLY G 93 -11.08 5.23 -1.04
C GLY G 93 -9.92 4.31 -0.76
N ALA G 94 -10.01 3.07 -1.24
CA ALA G 94 -8.94 2.10 -1.10
C ALA G 94 -9.00 1.15 -2.28
N ALA G 95 -7.86 0.88 -2.89
CA ALA G 95 -7.78 0.01 -4.05
C ALA G 95 -6.70 -1.03 -3.82
N ALA G 96 -7.02 -2.29 -4.06
CA ALA G 96 -6.07 -3.37 -3.89
C ALA G 96 -6.14 -4.30 -5.09
N ALA G 97 -4.99 -4.63 -5.66
CA ALA G 97 -4.89 -5.58 -6.76
C ALA G 97 -3.80 -6.57 -6.38
N GLY G 98 -4.21 -7.71 -5.83
CA GLY G 98 -3.27 -8.69 -5.34
C GLY G 98 -3.47 -10.04 -6.00
N ALA G 99 -2.56 -10.93 -5.71
CA ALA G 99 -2.60 -12.28 -6.26
C ALA G 99 -1.74 -13.20 -5.42
N VAL G 100 -2.28 -14.37 -5.10
CA VAL G 100 -1.52 -15.41 -4.43
C VAL G 100 -1.43 -16.59 -5.39
N VAL G 101 -0.24 -16.85 -5.90
CA VAL G 101 -0.04 -17.84 -6.96
C VAL G 101 0.94 -18.89 -6.48
N GLY G 102 0.79 -20.09 -6.98
CA GLY G 102 1.78 -21.12 -6.77
C GLY G 102 1.13 -22.43 -6.40
N GLY G 103 1.96 -23.34 -5.91
CA GLY G 103 1.47 -24.70 -5.64
C GLY G 103 0.29 -24.73 -4.69
N LEU G 104 0.34 -23.93 -3.62
CA LEU G 104 -0.75 -23.86 -2.65
C LEU G 104 -1.17 -25.24 -2.16
N GLY G 105 -0.20 -26.08 -1.89
CA GLY G 105 -0.50 -27.40 -1.35
C GLY G 105 -0.87 -28.45 -2.36
N GLY G 106 -0.85 -28.14 -3.66
CA GLY G 106 -1.23 -29.07 -4.69
C GLY G 106 -0.06 -29.47 -5.57
N TYR G 107 -0.35 -30.33 -6.53
CA TYR G 107 0.64 -30.93 -7.39
C TYR G 107 0.35 -30.54 -8.83
N MET G 108 1.11 -29.59 -9.35
CA MET G 108 0.83 -29.01 -10.66
C MET G 108 1.99 -29.28 -11.59
N LEU G 109 1.69 -29.70 -12.82
CA LEU G 109 2.71 -29.85 -13.84
C LEU G 109 2.46 -28.83 -14.95
N GLY G 110 2.20 -27.61 -14.56
CA GLY G 110 2.00 -26.54 -15.51
C GLY G 110 2.25 -25.20 -14.85
N SER G 111 2.14 -24.16 -15.66
CA SER G 111 2.37 -22.81 -15.21
C SER G 111 1.10 -22.24 -14.59
N ALA G 112 1.24 -21.58 -13.46
CA ALA G 112 0.15 -20.86 -12.82
C ALA G 112 0.46 -19.37 -12.90
N MET G 113 -0.31 -18.64 -13.69
CA MET G 113 -0.18 -17.20 -13.76
C MET G 113 -1.46 -16.49 -13.35
N SER G 114 -1.31 -15.23 -12.97
CA SER G 114 -2.42 -14.42 -12.48
C SER G 114 -2.11 -12.96 -12.73
N ARG G 115 -2.99 -12.27 -13.43
CA ARG G 115 -2.79 -10.88 -13.82
C ARG G 115 -4.01 -10.05 -13.43
N PRO G 116 -4.21 -9.78 -12.14
CA PRO G 116 -5.31 -8.90 -11.75
C PRO G 116 -5.03 -7.47 -12.15
N MET G 117 -5.98 -6.88 -12.86
CA MET G 117 -5.85 -5.52 -13.36
C MET G 117 -6.91 -4.65 -12.73
N MET G 118 -6.53 -3.44 -12.32
CA MET G 118 -7.48 -2.46 -11.85
C MET G 118 -7.21 -1.15 -12.56
N HIS G 119 -8.25 -0.55 -13.10
CA HIS G 119 -8.11 0.64 -13.92
C HIS G 119 -9.17 1.63 -13.49
N PHE G 120 -8.77 2.88 -13.23
CA PHE G 120 -9.69 3.89 -12.76
C PHE G 120 -10.34 4.66 -13.90
N GLY G 121 -9.97 4.38 -15.13
CA GLY G 121 -10.60 4.98 -16.28
C GLY G 121 -9.88 6.23 -16.76
N ASN G 122 -9.93 6.43 -18.07
CA ASN G 122 -9.27 7.56 -18.72
C ASN G 122 -10.26 8.73 -18.81
N ASP G 123 -9.88 9.85 -18.19
CA ASP G 123 -10.63 11.09 -18.28
C ASP G 123 -12.09 10.92 -17.91
N GLY H 73 19.24 -28.46 -21.60
CA GLY H 73 19.74 -29.51 -20.73
C GLY H 73 18.69 -30.06 -19.78
N THR H 74 18.93 -31.25 -19.24
CA THR H 74 17.99 -31.86 -18.32
C THR H 74 18.02 -31.20 -16.95
N HIS H 75 16.87 -31.25 -16.29
CA HIS H 75 16.69 -30.73 -14.93
C HIS H 75 16.01 -31.81 -14.12
N ASN H 76 16.59 -32.18 -12.99
CA ASN H 76 16.05 -33.24 -12.15
C ASN H 76 15.93 -32.74 -10.73
N GLN H 77 14.83 -33.10 -10.07
CA GLN H 77 14.64 -32.77 -8.68
C GLN H 77 14.05 -33.96 -7.96
N TRP H 78 14.72 -34.44 -6.93
CA TRP H 78 14.21 -35.50 -6.07
C TRP H 78 13.76 -34.87 -4.77
N ASN H 79 12.46 -34.88 -4.52
CA ASN H 79 11.90 -34.34 -3.30
C ASN H 79 11.46 -35.50 -2.42
N LYS H 80 12.13 -35.68 -1.29
CA LYS H 80 11.81 -36.74 -0.34
C LYS H 80 11.64 -36.16 1.06
N PRO H 81 10.53 -35.48 1.33
CA PRO H 81 10.20 -35.14 2.71
C PRO H 81 9.35 -36.23 3.33
N SER H 82 9.46 -36.37 4.64
CA SER H 82 8.64 -37.32 5.40
C SER H 82 7.87 -36.54 6.45
N LYS H 83 6.54 -36.56 6.32
CA LYS H 83 5.65 -35.77 7.17
C LYS H 83 5.97 -34.27 7.14
N PRO H 84 5.90 -33.64 5.98
CA PRO H 84 6.04 -32.18 5.93
C PRO H 84 4.70 -31.50 6.19
N LYS H 85 4.68 -30.62 7.18
CA LYS H 85 3.46 -29.89 7.49
C LYS H 85 3.71 -28.40 7.31
N THR H 86 2.87 -27.76 6.49
CA THR H 86 3.08 -26.39 6.07
C THR H 86 1.84 -25.57 6.37
N ASN H 87 2.03 -24.39 6.95
CA ASN H 87 0.92 -23.51 7.30
C ASN H 87 1.09 -22.18 6.62
N MET H 88 0.02 -21.73 5.94
CA MET H 88 -0.09 -20.35 5.46
C MET H 88 -1.33 -19.77 6.10
N LYS H 89 -1.16 -18.83 7.02
CA LYS H 89 -2.28 -18.29 7.76
C LYS H 89 -2.18 -16.77 7.82
N HIS H 90 -3.34 -16.12 7.78
CA HIS H 90 -3.46 -14.68 7.98
C HIS H 90 -2.61 -13.88 7.01
N MET H 91 -2.69 -14.24 5.73
CA MET H 91 -1.84 -13.61 4.74
C MET H 91 -2.69 -13.05 3.61
N ALA H 92 -2.22 -11.97 2.99
CA ALA H 92 -2.95 -11.33 1.92
C ALA H 92 -1.99 -11.00 0.78
N GLY H 93 -2.47 -11.12 -0.45
CA GLY H 93 -1.66 -10.68 -1.58
C GLY H 93 -1.46 -9.18 -1.59
N ALA H 94 -2.53 -8.43 -1.36
CA ALA H 94 -2.46 -6.97 -1.29
C ALA H 94 -3.56 -6.50 -0.36
N ALA H 95 -3.23 -5.61 0.55
CA ALA H 95 -4.18 -5.08 1.51
C ALA H 95 -4.12 -3.57 1.50
N ALA H 96 -5.28 -2.93 1.42
CA ALA H 96 -5.35 -1.47 1.41
C ALA H 96 -6.44 -1.02 2.36
N ALA H 97 -6.13 -0.06 3.22
CA ALA H 97 -7.10 0.53 4.13
C ALA H 97 -6.97 2.04 3.99
N GLY H 98 -7.81 2.65 3.16
CA GLY H 98 -7.71 4.05 2.87
C GLY H 98 -8.99 4.78 3.20
N ALA H 99 -8.93 6.09 3.09
CA ALA H 99 -10.07 6.93 3.39
C ALA H 99 -9.86 8.30 2.76
N VAL H 100 -10.90 8.80 2.10
CA VAL H 100 -10.90 10.15 1.57
C VAL H 100 -11.98 10.91 2.31
N VAL H 101 -11.59 11.87 3.13
CA VAL H 101 -12.50 12.56 4.03
C VAL H 101 -12.42 14.05 3.75
N GLY H 102 -13.52 14.73 3.98
CA GLY H 102 -13.52 16.18 3.96
C GLY H 102 -14.70 16.71 3.19
N GLY H 103 -14.64 18.00 2.86
CA GLY H 103 -15.78 18.65 2.24
C GLY H 103 -16.24 17.98 0.96
N LEU H 104 -15.29 17.59 0.11
CA LEU H 104 -15.59 16.90 -1.15
C LEU H 104 -16.64 17.66 -1.95
N GLY H 105 -16.51 18.98 -2.02
CA GLY H 105 -17.41 19.77 -2.82
C GLY H 105 -18.73 20.12 -2.17
N GLY H 106 -18.94 19.75 -0.91
CA GLY H 106 -20.19 20.01 -0.23
C GLY H 106 -20.01 20.99 0.92
N TYR H 107 -21.13 21.28 1.58
CA TYR H 107 -21.20 22.28 2.63
C TYR H 107 -21.62 21.61 3.92
N MET H 108 -20.66 21.38 4.81
CA MET H 108 -20.90 20.62 6.02
C MET H 108 -20.67 21.49 7.23
N LEU H 109 -21.56 21.41 8.21
CA LEU H 109 -21.38 22.09 9.48
C LEU H 109 -21.22 21.06 10.58
N GLY H 110 -20.41 20.05 10.31
CA GLY H 110 -20.12 19.03 11.29
C GLY H 110 -18.82 18.34 10.98
N SER H 111 -18.46 17.43 11.86
CA SER H 111 -17.23 16.68 11.73
C SER H 111 -17.43 15.48 10.81
N ALA H 112 -16.49 15.26 9.91
CA ALA H 112 -16.47 14.08 9.08
C ALA H 112 -15.29 13.22 9.47
N MET H 113 -15.56 12.07 10.07
CA MET H 113 -14.50 11.12 10.39
C MET H 113 -14.69 9.79 9.71
N SER H 114 -13.59 9.04 9.60
CA SER H 114 -13.57 7.77 8.90
C SER H 114 -12.46 6.92 9.46
N ARG H 115 -12.80 5.72 9.92
CA ARG H 115 -11.85 4.82 10.56
C ARG H 115 -11.92 3.45 9.93
N PRO H 116 -11.42 3.28 8.70
CA PRO H 116 -11.39 1.95 8.10
C PRO H 116 -10.37 1.07 8.79
N MET H 117 -10.80 -0.10 9.23
CA MET H 117 -9.96 -1.04 9.95
C MET H 117 -9.82 -2.31 9.15
N MET H 118 -8.61 -2.84 9.08
CA MET H 118 -8.39 -4.14 8.47
C MET H 118 -7.56 -4.97 9.42
N HIS H 119 -7.99 -6.20 9.67
CA HIS H 119 -7.37 -7.06 10.67
C HIS H 119 -7.22 -8.44 10.07
N PHE H 120 -6.02 -8.99 10.15
CA PHE H 120 -5.74 -10.29 9.57
C PHE H 120 -6.03 -11.43 10.52
N GLY H 121 -6.40 -11.15 11.76
CA GLY H 121 -6.79 -12.16 12.70
C GLY H 121 -5.65 -12.61 13.59
N ASN H 122 -5.99 -12.96 14.82
CA ASN H 122 -5.02 -13.40 15.82
C ASN H 122 -4.88 -14.92 15.76
N ASP H 123 -3.67 -15.37 15.48
CA ASP H 123 -3.31 -16.78 15.50
C ASP H 123 -4.23 -17.62 14.64
N GLY I 73 -12.56 31.55 22.44
CA GLY I 73 -12.67 32.75 21.64
C GLY I 73 -13.38 32.53 20.32
N THR I 74 -13.85 33.62 19.73
CA THR I 74 -14.56 33.53 18.46
C THR I 74 -13.62 33.25 17.29
N HIS I 75 -14.15 32.58 16.28
CA HIS I 75 -13.44 32.27 15.04
C HIS I 75 -14.34 32.67 13.89
N ASN I 76 -13.83 33.48 12.98
CA ASN I 76 -14.60 33.96 11.86
C ASN I 76 -13.85 33.72 10.57
N GLN I 77 -14.57 33.29 9.54
CA GLN I 77 -13.97 33.11 8.22
C GLN I 77 -14.94 33.63 7.17
N TRP I 78 -14.47 34.58 6.37
CA TRP I 78 -15.22 35.09 5.24
C TRP I 78 -14.63 34.51 3.97
N ASN I 79 -15.39 33.65 3.30
CA ASN I 79 -14.95 33.04 2.06
C ASN I 79 -15.73 33.67 0.91
N LYS I 80 -15.02 34.41 0.07
CA LYS I 80 -15.63 35.06 -1.09
C LYS I 80 -14.86 34.72 -2.36
N PRO I 81 -15.00 33.49 -2.87
CA PRO I 81 -14.50 33.20 -4.21
C PRO I 81 -15.58 33.48 -5.25
N SER I 82 -15.14 33.82 -6.45
CA SER I 82 -16.06 34.03 -7.57
C SER I 82 -15.66 33.08 -8.69
N LYS I 83 -16.55 32.15 -9.01
CA LYS I 83 -16.29 31.09 -9.98
C LYS I 83 -15.07 30.24 -9.61
N PRO I 84 -15.08 29.59 -8.45
CA PRO I 84 -14.01 28.65 -8.14
C PRO I 84 -14.30 27.28 -8.72
N LYS I 85 -13.37 26.76 -9.51
CA LYS I 85 -13.55 25.44 -10.09
C LYS I 85 -12.43 24.53 -9.61
N THR I 86 -12.80 23.39 -9.03
CA THR I 86 -11.86 22.51 -8.35
C THR I 86 -11.99 21.12 -8.92
N ASN I 87 -10.87 20.47 -9.21
CA ASN I 87 -10.84 19.14 -9.78
C ASN I 87 -10.06 18.20 -8.86
N MET I 88 -10.66 17.07 -8.54
CA MET I 88 -9.97 15.95 -7.91
C MET I 88 -10.13 14.76 -8.83
N LYS I 89 -9.06 14.34 -9.48
CA LYS I 89 -9.13 13.27 -10.45
C LYS I 89 -8.02 12.27 -10.24
N HIS I 90 -8.32 11.00 -10.48
CA HIS I 90 -7.34 9.92 -10.49
C HIS I 90 -6.59 9.82 -9.17
N MET I 91 -7.32 9.85 -8.08
CA MET I 91 -6.70 9.85 -6.77
C MET I 91 -7.25 8.72 -5.92
N ALA I 92 -6.42 8.21 -5.03
CA ALA I 92 -6.81 7.11 -4.16
C ALA I 92 -6.37 7.39 -2.74
N GLY I 93 -7.18 6.98 -1.77
CA GLY I 93 -6.75 7.09 -0.38
C GLY I 93 -5.61 6.15 -0.07
N ALA I 94 -5.69 4.91 -0.52
CA ALA I 94 -4.62 3.94 -0.34
C ALA I 94 -4.68 2.96 -1.50
N ALA I 95 -3.53 2.67 -2.09
CA ALA I 95 -3.45 1.77 -3.23
C ALA I 95 -2.37 0.73 -2.96
N ALA I 96 -2.70 -0.53 -3.17
CA ALA I 96 -1.75 -1.63 -2.96
C ALA I 96 -1.82 -2.58 -4.14
N ALA I 97 -0.65 -2.92 -4.68
CA ALA I 97 -0.54 -3.90 -5.76
C ALA I 97 0.52 -4.89 -5.34
N GLY I 98 0.11 -6.02 -4.77
CA GLY I 98 1.04 -6.98 -4.24
C GLY I 98 0.84 -8.34 -4.87
N ALA I 99 1.75 -9.24 -4.55
CA ALA I 99 1.70 -10.59 -5.07
C ALA I 99 2.55 -11.50 -4.20
N VAL I 100 2.00 -12.66 -3.85
CA VAL I 100 2.74 -13.69 -3.15
C VAL I 100 2.83 -14.88 -4.08
N VAL I 101 4.03 -15.17 -4.57
CA VAL I 101 4.24 -16.18 -5.60
C VAL I 101 5.21 -17.22 -5.08
N GLY I 102 5.06 -18.44 -5.56
CA GLY I 102 6.04 -19.47 -5.31
C GLY I 102 5.38 -20.77 -4.90
N GLY I 103 6.20 -21.67 -4.38
CA GLY I 103 5.69 -23.01 -4.09
C GLY I 103 4.51 -23.02 -3.15
N LEU I 104 4.55 -22.19 -2.11
CA LEU I 104 3.45 -22.09 -1.14
C LEU I 104 3.01 -23.45 -0.63
N GLY I 105 3.98 -24.30 -0.32
CA GLY I 105 3.67 -25.59 0.24
C GLY I 105 3.30 -26.67 -0.74
N GLY I 106 3.34 -26.39 -2.05
CA GLY I 106 2.96 -27.35 -3.06
C GLY I 106 4.15 -27.77 -3.92
N TYR I 107 3.85 -28.66 -4.85
CA TYR I 107 4.87 -29.29 -5.70
C TYR I 107 4.59 -28.93 -7.14
N MET I 108 5.35 -27.99 -7.68
CA MET I 108 5.09 -27.46 -9.00
C MET I 108 6.26 -27.75 -9.92
N LEU I 109 5.97 -28.20 -11.14
CA LEU I 109 7.00 -28.39 -12.15
C LEU I 109 6.78 -27.39 -13.28
N GLY I 110 6.50 -26.15 -12.92
CA GLY I 110 6.33 -25.11 -13.89
C GLY I 110 6.58 -23.76 -13.28
N SER I 111 6.48 -22.74 -14.11
CA SER I 111 6.70 -21.37 -13.69
C SER I 111 5.43 -20.79 -13.10
N ALA I 112 5.57 -20.10 -11.98
CA ALA I 112 4.48 -19.36 -11.38
C ALA I 112 4.79 -17.87 -11.48
N MET I 113 4.04 -17.16 -12.30
CA MET I 113 4.18 -15.71 -12.41
C MET I 113 2.89 -14.99 -12.04
N SER I 114 3.05 -13.72 -11.69
CA SER I 114 1.94 -12.89 -11.23
C SER I 114 2.26 -11.45 -11.51
N ARG I 115 1.38 -10.77 -12.24
CA ARG I 115 1.60 -9.39 -12.65
C ARG I 115 0.38 -8.54 -12.31
N PRO I 116 0.17 -8.24 -11.03
CA PRO I 116 -0.94 -7.36 -10.66
C PRO I 116 -0.64 -5.93 -11.10
N MET I 117 -1.58 -5.35 -11.84
CA MET I 117 -1.43 -4.01 -12.37
C MET I 117 -2.51 -3.11 -11.78
N MET I 118 -2.12 -1.90 -11.39
CA MET I 118 -3.08 -0.90 -10.96
C MET I 118 -2.78 0.39 -11.69
N HIS I 119 -3.81 0.99 -12.25
CA HIS I 119 -3.67 2.15 -13.11
C HIS I 119 -4.72 3.16 -12.71
N PHE I 120 -4.31 4.41 -12.48
CA PHE I 120 -5.24 5.44 -12.05
C PHE I 120 -5.87 6.17 -13.22
N GLY I 121 -5.49 5.87 -14.43
CA GLY I 121 -6.10 6.44 -15.61
C GLY I 121 -5.38 7.67 -16.11
N ASN I 122 -5.41 7.84 -17.42
CA ASN I 122 -4.74 8.96 -18.10
C ASN I 122 -5.72 10.13 -18.23
N ASP I 123 -5.35 11.24 -17.63
CA ASP I 123 -6.09 12.50 -17.76
C ASP I 123 -7.55 12.35 -17.41
N GLY J 73 23.64 -27.29 -19.75
CA GLY J 73 24.13 -28.31 -18.85
C GLY J 73 23.06 -28.83 -17.90
N THR J 74 23.30 -30.01 -17.34
CA THR J 74 22.34 -30.59 -16.41
C THR J 74 22.36 -29.91 -15.05
N HIS J 75 21.20 -29.93 -14.40
CA HIS J 75 21.00 -29.38 -13.06
C HIS J 75 20.30 -30.44 -12.23
N ASN J 76 20.88 -30.77 -11.09
CA ASN J 76 20.32 -31.81 -10.24
C ASN J 76 20.19 -31.27 -8.82
N GLN J 77 19.08 -31.62 -8.17
CA GLN J 77 18.88 -31.24 -6.78
C GLN J 77 18.26 -32.41 -6.05
N TRP J 78 18.92 -32.86 -4.99
CA TRP J 78 18.40 -33.90 -4.11
C TRP J 78 17.94 -33.24 -2.83
N ASN J 79 16.64 -33.24 -2.60
CA ASN J 79 16.07 -32.67 -1.40
C ASN J 79 15.61 -33.81 -0.50
N LYS J 80 16.28 -33.96 0.65
CA LYS J 80 15.92 -35.00 1.62
C LYS J 80 15.75 -34.38 3.00
N PRO J 81 14.64 -33.68 3.23
CA PRO J 81 14.29 -33.30 4.60
C PRO J 81 13.43 -34.38 5.25
N SER J 82 13.53 -34.48 6.57
CA SER J 82 12.70 -35.41 7.32
C SER J 82 11.90 -34.61 8.35
N LYS J 83 10.59 -34.61 8.21
CA LYS J 83 9.69 -33.80 9.03
C LYS J 83 10.02 -32.31 8.96
N PRO J 84 9.97 -31.70 7.78
CA PRO J 84 10.12 -30.25 7.70
C PRO J 84 8.78 -29.55 7.93
N LYS J 85 8.75 -28.65 8.90
CA LYS J 85 7.53 -27.90 9.17
C LYS J 85 7.78 -26.42 8.95
N THR J 86 6.96 -25.80 8.12
CA THR J 86 7.19 -24.44 7.66
C THR J 86 5.95 -23.61 7.94
N ASN J 87 6.13 -22.41 8.49
CA ASN J 87 5.03 -21.53 8.81
C ASN J 87 5.20 -20.20 8.08
N MET J 88 4.16 -19.77 7.39
CA MET J 88 4.06 -18.41 6.86
C MET J 88 2.81 -17.79 7.48
N LYS J 89 2.98 -16.84 8.38
CA LYS J 89 1.85 -16.27 9.09
C LYS J 89 1.96 -14.75 9.11
N HIS J 90 0.81 -14.10 9.04
CA HIS J 90 0.69 -12.66 9.22
C HIS J 90 1.56 -11.88 8.22
N MET J 91 1.49 -12.27 6.96
CA MET J 91 2.35 -11.67 5.96
C MET J 91 1.51 -11.14 4.81
N ALA J 92 2.00 -10.08 4.17
CA ALA J 92 1.29 -9.45 3.06
C ALA J 92 2.26 -9.16 1.94
N GLY J 93 1.80 -9.31 0.71
CA GLY J 93 2.62 -8.90 -0.42
C GLY J 93 2.82 -7.40 -0.48
N ALA J 94 1.76 -6.64 -0.28
CA ALA J 94 1.83 -5.19 -0.24
C ALA J 94 0.73 -4.69 0.66
N ALA J 95 1.06 -3.77 1.56
CA ALA J 95 0.10 -3.22 2.50
C ALA J 95 0.17 -1.70 2.45
N ALA J 96 -0.99 -1.06 2.34
CA ALA J 96 -1.06 0.39 2.29
C ALA J 96 -2.16 0.88 3.22
N ALA J 97 -1.85 1.85 4.06
CA ALA J 97 -2.83 2.48 4.95
C ALA J 97 -2.67 3.98 4.76
N GLY J 98 -3.51 4.56 3.92
CA GLY J 98 -3.41 5.96 3.58
C GLY J 98 -4.68 6.71 3.89
N ALA J 99 -4.61 8.02 3.75
CA ALA J 99 -5.76 8.87 4.01
C ALA J 99 -5.53 10.21 3.34
N VAL J 100 -6.55 10.72 2.65
CA VAL J 100 -6.55 12.05 2.10
C VAL J 100 -7.64 12.83 2.80
N VAL J 101 -7.23 13.81 3.61
CA VAL J 101 -8.15 14.53 4.48
C VAL J 101 -8.06 16.01 4.16
N GLY J 102 -9.16 16.71 4.37
CA GLY J 102 -9.16 18.15 4.31
C GLY J 102 -10.33 18.67 3.51
N GLY J 103 -10.25 19.94 3.15
CA GLY J 103 -11.39 20.58 2.51
C GLY J 103 -11.83 19.89 1.24
N LEU J 104 -10.87 19.47 0.40
CA LEU J 104 -11.16 18.76 -0.84
C LEU J 104 -12.20 19.49 -1.67
N GLY J 105 -12.06 20.81 -1.77
CA GLY J 105 -12.96 21.59 -2.61
C GLY J 105 -14.27 21.97 -1.99
N GLY J 106 -14.51 21.63 -0.71
CA GLY J 106 -15.76 21.91 -0.05
C GLY J 106 -15.58 22.91 1.08
N TYR J 107 -16.71 23.22 1.72
CA TYR J 107 -16.79 24.25 2.73
C TYR J 107 -17.22 23.61 4.04
N MET J 108 -16.28 23.41 4.94
CA MET J 108 -16.53 22.67 6.17
C MET J 108 -16.30 23.57 7.37
N LEU J 109 -17.22 23.53 8.33
CA LEU J 109 -17.04 24.24 9.59
C LEU J 109 -16.90 23.23 10.71
N GLY J 110 -16.10 22.21 10.48
CA GLY J 110 -15.83 21.22 11.49
C GLY J 110 -14.52 20.52 11.22
N SER J 111 -14.19 19.61 12.11
CA SER J 111 -12.95 18.86 12.01
C SER J 111 -13.16 17.65 11.14
N ALA J 112 -12.20 17.40 10.24
CA ALA J 112 -12.18 16.19 9.43
C ALA J 112 -11.00 15.34 9.87
N MET J 113 -11.28 14.20 10.49
CA MET J 113 -10.24 13.26 10.85
C MET J 113 -10.42 11.91 10.19
N SER J 114 -9.34 11.16 10.12
CA SER J 114 -9.31 9.87 9.44
C SER J 114 -8.22 9.02 10.05
N ARG J 115 -8.56 7.84 10.53
CA ARG J 115 -7.62 6.95 11.20
C ARG J 115 -7.70 5.55 10.61
N PRO J 116 -7.18 5.36 9.39
CA PRO J 116 -7.15 4.02 8.82
C PRO J 116 -6.14 3.15 9.56
N MET J 117 -6.59 1.99 10.01
CA MET J 117 -5.76 1.07 10.76
C MET J 117 -5.62 -0.23 9.99
N MET J 118 -4.42 -0.77 9.96
CA MET J 118 -4.19 -2.08 9.38
C MET J 118 -3.37 -2.89 10.36
N HIS J 119 -3.81 -4.11 10.64
CA HIS J 119 -3.22 -4.94 11.66
C HIS J 119 -3.05 -6.34 11.10
N PHE J 120 -1.86 -6.90 11.21
CA PHE J 120 -1.58 -8.22 10.66
C PHE J 120 -1.89 -9.34 11.64
N GLY J 121 -2.27 -9.01 12.86
CA GLY J 121 -2.69 -10.00 13.83
C GLY J 121 -1.55 -10.44 14.74
N ASN J 122 -1.91 -10.74 15.98
CA ASN J 122 -0.96 -11.17 17.00
C ASN J 122 -0.82 -12.69 16.98
N ASP J 123 0.40 -13.15 16.71
CA ASP J 123 0.74 -14.57 16.79
C ASP J 123 -0.18 -15.43 15.93
N GLY K 73 -8.29 33.96 22.44
CA GLY K 73 -8.38 35.15 21.61
C GLY K 73 -9.08 34.90 20.29
N THR K 74 -9.54 35.97 19.66
CA THR K 74 -10.23 35.85 18.39
C THR K 74 -9.29 35.55 17.23
N HIS K 75 -9.81 34.86 16.24
CA HIS K 75 -9.10 34.51 15.02
C HIS K 75 -9.98 34.88 13.84
N ASN K 76 -9.46 35.67 12.92
CA ASN K 76 -10.22 36.13 11.77
C ASN K 76 -9.45 35.85 10.50
N GLN K 77 -10.16 35.40 9.48
CA GLN K 77 -9.55 35.18 8.17
C GLN K 77 -10.51 35.69 7.10
N TRP K 78 -10.03 36.61 6.28
CA TRP K 78 -10.76 37.10 5.12
C TRP K 78 -10.16 36.47 3.88
N ASN K 79 -10.92 35.61 3.23
CA ASN K 79 -10.46 34.96 2.01
C ASN K 79 -11.23 35.57 0.84
N LYS K 80 -10.51 36.29 -0.02
CA LYS K 80 -11.11 36.91 -1.21
C LYS K 80 -10.32 36.53 -2.44
N PRO K 81 -10.47 35.30 -2.93
CA PRO K 81 -9.97 34.97 -4.26
C PRO K 81 -11.02 35.22 -5.32
N SER K 82 -10.58 35.54 -6.52
CA SER K 82 -11.48 35.73 -7.65
C SER K 82 -11.08 34.75 -8.74
N LYS K 83 -11.97 33.82 -9.06
CA LYS K 83 -11.71 32.73 -9.99
C LYS K 83 -10.50 31.88 -9.59
N PRO K 84 -10.52 31.25 -8.42
CA PRO K 84 -9.45 30.32 -8.08
C PRO K 84 -9.75 28.94 -8.62
N LYS K 85 -8.82 28.40 -9.39
CA LYS K 85 -8.99 27.06 -9.94
C LYS K 85 -7.88 26.16 -9.42
N THR K 86 -8.26 25.04 -8.82
CA THR K 86 -7.34 24.17 -8.11
C THR K 86 -7.48 22.76 -8.66
N ASN K 87 -6.35 22.10 -8.91
CA ASN K 87 -6.33 20.76 -9.45
C ASN K 87 -5.56 19.84 -8.51
N MET K 88 -6.16 18.72 -8.15
CA MET K 88 -5.48 17.62 -7.49
C MET K 88 -5.65 16.40 -8.38
N LYS K 89 -4.57 15.96 -9.01
CA LYS K 89 -4.65 14.87 -9.96
C LYS K 89 -3.53 13.87 -9.71
N HIS K 90 -3.84 12.59 -9.93
CA HIS K 90 -2.87 11.51 -9.90
C HIS K 90 -2.12 11.43 -8.58
N MET K 91 -2.88 11.50 -7.48
CA MET K 91 -2.26 11.53 -6.18
C MET K 91 -2.82 10.42 -5.31
N ALA K 92 -2.01 9.92 -4.39
CA ALA K 92 -2.42 8.85 -3.50
C ALA K 92 -1.98 9.15 -2.07
N GLY K 93 -2.81 8.78 -1.10
CA GLY K 93 -2.40 8.92 0.28
C GLY K 93 -1.26 7.98 0.64
N ALA K 94 -1.34 6.73 0.21
CA ALA K 94 -0.28 5.76 0.42
C ALA K 94 -0.34 4.76 -0.71
N ALA K 95 0.82 4.44 -1.29
CA ALA K 95 0.90 3.52 -2.40
C ALA K 95 1.97 2.48 -2.10
N ALA K 96 1.65 1.21 -2.28
CA ALA K 96 2.58 0.13 -2.03
C ALA K 96 2.53 -0.85 -3.19
N ALA K 97 3.69 -1.23 -3.71
CA ALA K 97 3.80 -2.23 -4.77
C ALA K 97 4.87 -3.22 -4.31
N GLY K 98 4.43 -4.32 -3.71
CA GLY K 98 5.36 -5.28 -3.15
C GLY K 98 5.16 -6.65 -3.76
N ALA K 99 6.06 -7.55 -3.39
CA ALA K 99 6.00 -8.91 -3.89
C ALA K 99 6.84 -9.80 -2.98
N VAL K 100 6.29 -10.95 -2.61
CA VAL K 100 7.02 -11.97 -1.88
C VAL K 100 7.11 -13.18 -2.79
N VAL K 101 8.31 -13.50 -3.25
CA VAL K 101 8.52 -14.52 -4.25
C VAL K 101 9.48 -15.56 -3.70
N GLY K 102 9.33 -16.79 -4.15
CA GLY K 102 10.30 -17.82 -3.87
C GLY K 102 9.63 -19.10 -3.44
N GLY K 103 10.43 -20.00 -2.88
CA GLY K 103 9.92 -21.32 -2.56
C GLY K 103 8.73 -21.30 -1.64
N LEU K 104 8.76 -20.45 -0.61
CA LEU K 104 7.66 -20.32 0.34
C LEU K 104 7.21 -21.66 0.87
N GLY K 105 8.16 -22.51 1.21
CA GLY K 105 7.84 -23.79 1.82
C GLY K 105 7.48 -24.89 0.85
N GLY K 106 7.54 -24.65 -0.46
CA GLY K 106 7.16 -25.63 -1.46
C GLY K 106 8.35 -26.07 -2.28
N TYR K 107 8.06 -26.98 -3.21
CA TYR K 107 9.07 -27.64 -4.02
C TYR K 107 8.81 -27.31 -5.48
N MET K 108 9.59 -26.39 -6.03
CA MET K 108 9.34 -25.89 -7.37
C MET K 108 10.52 -26.21 -8.27
N LEU K 109 10.24 -26.69 -9.48
CA LEU K 109 11.27 -26.91 -10.48
C LEU K 109 11.07 -25.94 -11.63
N GLY K 110 10.80 -24.69 -11.30
CA GLY K 110 10.64 -23.66 -12.31
C GLY K 110 10.89 -22.30 -11.72
N SER K 111 10.80 -21.31 -12.58
CA SER K 111 11.04 -19.93 -12.20
C SER K 111 9.76 -19.33 -11.63
N ALA K 112 9.90 -18.61 -10.53
CA ALA K 112 8.81 -17.84 -9.96
C ALA K 112 9.12 -16.36 -10.10
N MET K 113 8.37 -15.67 -10.94
CA MET K 113 8.52 -14.23 -11.08
C MET K 113 7.25 -13.49 -10.74
N SER K 114 7.40 -12.21 -10.41
CA SER K 114 6.30 -11.37 -9.98
C SER K 114 6.63 -9.92 -10.30
N ARG K 115 5.76 -9.27 -11.06
CA ARG K 115 5.99 -7.89 -11.50
C ARG K 115 4.77 -7.04 -11.19
N PRO K 116 4.55 -6.70 -9.91
CA PRO K 116 3.44 -5.80 -9.59
C PRO K 116 3.74 -4.39 -10.06
N MET K 117 2.82 -3.82 -10.82
CA MET K 117 2.98 -2.49 -11.38
C MET K 117 1.90 -1.57 -10.81
N MET K 118 2.29 -0.36 -10.46
CA MET K 118 1.34 0.65 -10.06
C MET K 118 1.65 1.92 -10.82
N HIS K 119 0.62 2.51 -11.41
CA HIS K 119 0.79 3.65 -12.29
C HIS K 119 -0.26 4.68 -11.93
N PHE K 120 0.15 5.92 -11.72
CA PHE K 120 -0.77 6.98 -11.32
C PHE K 120 -1.40 7.69 -12.52
N GLY K 121 -1.00 7.34 -13.73
CA GLY K 121 -1.60 7.89 -14.91
C GLY K 121 -0.86 9.11 -15.45
N ASN K 122 -0.87 9.25 -16.76
CA ASN K 122 -0.20 10.35 -17.46
C ASN K 122 -1.17 11.51 -17.63
N ASP K 123 -0.80 12.65 -17.05
CA ASP K 123 -1.53 13.90 -17.21
C ASP K 123 -3.00 13.76 -16.87
N GLY L 73 28.00 -26.06 -17.91
CA GLY L 73 28.47 -27.07 -16.99
C GLY L 73 27.39 -27.55 -16.04
N THR L 74 27.62 -28.71 -15.44
CA THR L 74 26.65 -29.27 -14.51
C THR L 74 26.65 -28.55 -13.17
N HIS L 75 25.49 -28.54 -12.53
CA HIS L 75 25.29 -27.97 -11.22
C HIS L 75 24.57 -28.99 -10.36
N ASN L 76 25.13 -29.31 -9.20
CA ASN L 76 24.56 -30.32 -8.32
C ASN L 76 24.42 -29.75 -6.92
N GLN L 77 23.30 -30.07 -6.28
CA GLN L 77 23.08 -29.65 -4.90
C GLN L 77 22.46 -30.80 -4.14
N TRP L 78 23.11 -31.23 -3.08
CA TRP L 78 22.58 -32.24 -2.18
C TRP L 78 22.10 -31.55 -0.91
N ASN L 79 20.81 -31.54 -0.69
CA ASN L 79 20.22 -30.94 0.49
C ASN L 79 19.75 -32.04 1.41
N LYS L 80 20.39 -32.17 2.56
CA LYS L 80 20.04 -33.18 3.56
C LYS L 80 19.85 -32.53 4.92
N PRO L 81 18.74 -31.82 5.12
CA PRO L 81 18.37 -31.41 6.48
C PRO L 81 17.50 -32.46 7.15
N SER L 82 17.59 -32.53 8.47
CA SER L 82 16.75 -33.43 9.24
C SER L 82 15.95 -32.61 10.24
N LYS L 83 14.63 -32.60 10.08
CA LYS L 83 13.73 -31.77 10.87
C LYS L 83 14.07 -30.27 10.77
N PRO L 84 14.03 -29.70 9.58
CA PRO L 84 14.19 -28.25 9.46
C PRO L 84 12.86 -27.55 9.65
N LYS L 85 12.81 -26.61 10.60
CA LYS L 85 11.59 -25.87 10.84
C LYS L 85 11.86 -24.38 10.59
N THR L 86 11.05 -23.78 9.73
CA THR L 86 11.29 -22.43 9.24
C THR L 86 10.05 -21.59 9.48
N ASN L 87 10.23 -20.38 10.00
CA ASN L 87 9.13 -19.48 10.29
C ASN L 87 9.32 -18.18 9.54
N MET L 88 8.28 -17.76 8.82
CA MET L 88 8.18 -16.41 8.26
C MET L 88 6.93 -15.77 8.84
N LYS L 89 7.11 -14.80 9.72
CA LYS L 89 5.98 -14.20 10.41
C LYS L 89 6.09 -12.69 10.39
N HIS L 90 4.94 -12.04 10.29
CA HIS L 90 4.83 -10.58 10.43
C HIS L 90 5.71 -9.85 9.43
N MET L 91 5.65 -10.27 8.17
CA MET L 91 6.53 -9.70 7.16
C MET L 91 5.71 -9.19 6.00
N ALA L 92 6.20 -8.15 5.33
CA ALA L 92 5.50 -7.55 4.20
C ALA L 92 6.49 -7.28 3.08
N GLY L 93 6.04 -7.46 1.84
CA GLY L 93 6.87 -7.09 0.71
C GLY L 93 7.09 -5.59 0.63
N ALA L 94 6.02 -4.82 0.79
CA ALA L 94 6.10 -3.36 0.80
C ALA L 94 4.98 -2.84 1.67
N ALA L 95 5.31 -1.90 2.55
CA ALA L 95 4.35 -1.32 3.47
C ALA L 95 4.42 0.20 3.37
N ALA L 96 3.27 0.84 3.25
CA ALA L 96 3.21 2.29 3.16
C ALA L 96 2.10 2.80 4.06
N ALA L 97 2.41 3.79 4.87
CA ALA L 97 1.42 4.45 5.73
C ALA L 97 1.59 5.95 5.51
N GLY L 98 0.76 6.51 4.64
CA GLY L 98 0.88 7.90 4.27
C GLY L 98 -0.40 8.66 4.55
N ALA L 99 -0.32 9.97 4.38
CA ALA L 99 -1.46 10.83 4.60
C ALA L 99 -1.23 12.15 3.90
N VAL L 100 -2.24 12.64 3.20
CA VAL L 100 -2.21 13.96 2.61
C VAL L 100 -3.31 14.77 3.28
N VAL L 101 -2.91 15.76 4.07
CA VAL L 101 -3.83 16.51 4.91
C VAL L 101 -3.74 17.98 4.55
N GLY L 102 -4.83 18.69 4.72
CA GLY L 102 -4.82 20.12 4.64
C GLY L 102 -5.98 20.63 3.81
N GLY L 103 -5.90 21.90 3.42
CA GLY L 103 -7.02 22.53 2.75
C GLY L 103 -7.46 21.80 1.48
N LEU L 104 -6.49 21.36 0.68
CA LEU L 104 -6.78 20.61 -0.55
C LEU L 104 -7.80 21.33 -1.42
N GLY L 105 -7.66 22.64 -1.55
CA GLY L 105 -8.54 23.40 -2.40
C GLY L 105 -9.86 23.81 -1.81
N GLY L 106 -10.10 23.50 -0.53
CA GLY L 106 -11.36 23.80 0.12
C GLY L 106 -11.20 24.83 1.22
N TYR L 107 -12.33 25.17 1.84
CA TYR L 107 -12.42 26.23 2.83
C TYR L 107 -12.85 25.61 4.15
N MET L 108 -11.92 25.43 5.07
CA MET L 108 -12.20 24.73 6.30
C MET L 108 -11.98 25.66 7.48
N LEU L 109 -12.91 25.64 8.44
CA LEU L 109 -12.74 26.38 9.67
C LEU L 109 -12.60 25.40 10.83
N GLY L 110 -11.80 24.37 10.63
CA GLY L 110 -11.55 23.41 11.67
C GLY L 110 -10.24 22.69 11.42
N SER L 111 -9.92 21.82 12.35
CA SER L 111 -8.70 21.05 12.28
C SER L 111 -8.89 19.81 11.43
N ALA L 112 -7.93 19.54 10.56
CA ALA L 112 -7.91 18.32 9.78
C ALA L 112 -6.74 17.47 10.25
N MET L 113 -7.03 16.35 10.89
CA MET L 113 -5.99 15.42 11.29
C MET L 113 -6.19 14.05 10.67
N SER L 114 -5.09 13.29 10.62
CA SER L 114 -5.07 11.99 9.98
C SER L 114 -3.98 11.15 10.61
N ARG L 115 -4.34 9.98 11.13
CA ARG L 115 -3.41 9.11 11.83
C ARG L 115 -3.49 7.69 11.27
N PRO L 116 -2.96 7.47 10.06
CA PRO L 116 -2.93 6.11 9.53
C PRO L 116 -1.93 5.25 10.29
N MET L 117 -2.39 4.11 10.78
CA MET L 117 -1.57 3.21 11.56
C MET L 117 -1.43 1.89 10.83
N MET L 118 -0.23 1.34 10.81
CA MET L 118 0.00 0.01 10.27
C MET L 118 0.81 -0.77 11.29
N HIS L 119 0.36 -1.98 11.58
CA HIS L 119 0.94 -2.80 12.63
C HIS L 119 1.10 -4.20 12.11
N PHE L 120 2.29 -4.77 12.25
CA PHE L 120 2.56 -6.10 11.73
C PHE L 120 2.23 -7.19 12.74
N GLY L 121 1.84 -6.83 13.95
CA GLY L 121 1.42 -7.79 14.94
C GLY L 121 2.54 -8.21 15.87
N ASN L 122 2.17 -8.49 17.11
CA ASN L 122 3.11 -8.89 18.14
C ASN L 122 3.24 -10.41 18.17
N ASP L 123 4.46 -10.88 17.93
CA ASP L 123 4.79 -12.30 18.04
C ASP L 123 3.88 -13.18 17.21
N GLY M 73 -4.01 36.35 22.38
CA GLY M 73 -4.07 37.52 21.52
C GLY M 73 -4.77 37.25 20.20
N THR M 74 -5.22 38.30 19.54
CA THR M 74 -5.90 38.16 18.26
C THR M 74 -4.93 37.82 17.13
N HIS M 75 -5.45 37.10 16.15
CA HIS M 75 -4.73 36.71 14.94
C HIS M 75 -5.60 37.07 13.75
N ASN M 76 -5.05 37.82 12.81
CA ASN M 76 -5.81 38.27 11.65
C ASN M 76 -5.03 37.95 10.39
N GLN M 77 -5.73 37.48 9.36
CA GLN M 77 -5.12 37.22 8.08
C GLN M 77 -6.04 37.71 6.98
N TRP M 78 -5.56 38.60 6.15
CA TRP M 78 -6.28 39.06 4.98
C TRP M 78 -5.66 38.41 3.75
N ASN M 79 -6.42 37.53 3.11
CA ASN M 79 -5.97 36.85 1.91
C ASN M 79 -6.71 37.44 0.72
N LYS M 80 -5.98 38.13 -0.15
CA LYS M 80 -6.56 38.73 -1.35
C LYS M 80 -5.76 38.31 -2.58
N PRO M 81 -5.91 37.06 -3.03
CA PRO M 81 -5.40 36.70 -4.35
C PRO M 81 -6.44 36.94 -5.43
N SER M 82 -5.98 37.22 -6.64
CA SER M 82 -6.87 37.38 -7.77
C SER M 82 -6.47 36.37 -8.83
N LYS M 83 -7.36 35.44 -9.14
CA LYS M 83 -7.09 34.32 -10.05
C LYS M 83 -5.89 33.48 -9.60
N PRO M 84 -5.93 32.89 -8.42
CA PRO M 84 -4.87 31.96 -8.04
C PRO M 84 -5.18 30.56 -8.55
N LYS M 85 -4.23 30.00 -9.29
CA LYS M 85 -4.41 28.65 -9.81
C LYS M 85 -3.31 27.75 -9.27
N THR M 86 -3.71 26.65 -8.64
CA THR M 86 -2.79 25.79 -7.91
C THR M 86 -2.93 24.37 -8.40
N ASN M 87 -1.81 23.70 -8.64
CA ASN M 87 -1.79 22.34 -9.14
C ASN M 87 -1.03 21.44 -8.17
N MET M 88 -1.66 20.33 -7.79
CA MET M 88 -0.98 19.25 -7.09
C MET M 88 -1.14 18.01 -7.95
N LYS M 89 -0.06 17.55 -8.56
CA LYS M 89 -0.14 16.43 -9.48
C LYS M 89 0.96 15.43 -9.20
N HIS M 90 0.66 14.16 -9.39
CA HIS M 90 1.62 13.06 -9.32
C HIS M 90 2.34 13.02 -7.99
N MET M 91 1.59 13.11 -6.91
CA MET M 91 2.19 13.18 -5.59
C MET M 91 1.61 12.10 -4.70
N ALA M 92 2.41 11.62 -3.75
CA ALA M 92 1.99 10.56 -2.85
C ALA M 92 2.41 10.90 -1.43
N GLY M 93 1.57 10.56 -0.46
CA GLY M 93 1.97 10.72 0.92
C GLY M 93 3.10 9.80 1.31
N ALA M 94 3.02 8.53 0.92
CA ALA M 94 4.06 7.56 1.16
C ALA M 94 4.02 6.53 0.06
N ALA M 95 5.18 6.20 -0.49
CA ALA M 95 5.27 5.24 -1.58
C ALA M 95 6.33 4.21 -1.24
N ALA M 96 5.99 2.93 -1.41
CA ALA M 96 6.91 1.85 -1.11
C ALA M 96 6.87 0.85 -2.25
N ALA M 97 8.03 0.45 -2.75
CA ALA M 97 8.15 -0.58 -3.77
C ALA M 97 9.21 -1.56 -3.28
N GLY M 98 8.77 -2.65 -2.66
CA GLY M 98 9.67 -3.60 -2.07
C GLY M 98 9.47 -4.98 -2.64
N ALA M 99 10.36 -5.88 -2.25
CA ALA M 99 10.30 -7.25 -2.71
C ALA M 99 11.12 -8.13 -1.77
N VAL M 100 10.56 -9.25 -1.38
CA VAL M 100 11.27 -10.26 -0.61
C VAL M 100 11.36 -11.50 -1.48
N VAL M 101 12.57 -11.82 -1.93
CA VAL M 101 12.78 -12.88 -2.90
C VAL M 101 13.73 -13.91 -2.32
N GLY M 102 13.58 -15.15 -2.73
CA GLY M 102 14.54 -16.18 -2.42
C GLY M 102 13.87 -17.44 -1.97
N GLY M 103 14.66 -18.33 -1.37
CA GLY M 103 14.13 -19.65 -1.03
C GLY M 103 12.93 -19.59 -0.12
N LEU M 104 12.96 -18.72 0.88
CA LEU M 104 11.84 -18.55 1.81
C LEU M 104 11.38 -19.89 2.38
N GLY M 105 12.32 -20.74 2.76
CA GLY M 105 11.99 -22.00 3.38
C GLY M 105 11.63 -23.11 2.44
N GLY M 106 11.71 -22.90 1.13
CA GLY M 106 11.34 -23.91 0.15
C GLY M 106 12.53 -24.37 -0.66
N TYR M 107 12.25 -25.30 -1.55
CA TYR M 107 13.26 -25.99 -2.34
C TYR M 107 13.02 -25.70 -3.81
N MET M 108 13.81 -24.80 -4.38
CA MET M 108 13.58 -24.32 -5.73
C MET M 108 14.76 -24.68 -6.61
N LEU M 109 14.48 -25.18 -7.80
CA LEU M 109 15.53 -25.43 -8.79
C LEU M 109 15.35 -24.49 -9.97
N GLY M 110 15.08 -23.23 -9.67
CA GLY M 110 14.94 -22.24 -10.71
C GLY M 110 15.19 -20.86 -10.15
N SER M 111 15.12 -19.88 -11.04
CA SER M 111 15.35 -18.50 -10.68
C SER M 111 14.08 -17.88 -10.14
N ALA M 112 14.21 -17.13 -9.05
CA ALA M 112 13.11 -16.34 -8.51
C ALA M 112 13.44 -14.87 -8.69
N MET M 113 12.71 -14.20 -9.56
CA MET M 113 12.87 -12.76 -9.73
C MET M 113 11.59 -12.00 -9.43
N SER M 114 11.75 -10.72 -9.14
CA SER M 114 10.65 -9.86 -8.74
C SER M 114 10.99 -8.42 -9.09
N ARG M 115 10.13 -7.78 -9.87
CA ARG M 115 10.38 -6.42 -10.34
C ARG M 115 9.16 -5.55 -10.06
N PRO M 116 8.93 -5.18 -8.81
CA PRO M 116 7.82 -4.27 -8.51
C PRO M 116 8.14 -2.87 -9.01
N MET M 117 7.23 -2.31 -9.80
CA MET M 117 7.40 -1.00 -10.39
C MET M 117 6.33 -0.07 -9.86
N MET M 118 6.71 1.15 -9.53
CA MET M 118 5.77 2.18 -9.16
C MET M 118 6.08 3.43 -9.95
N HIS M 119 5.07 4.01 -10.57
CA HIS M 119 5.25 5.14 -11.47
C HIS M 119 4.20 6.18 -11.15
N PHE M 120 4.63 7.42 -10.97
CA PHE M 120 3.71 8.49 -10.61
C PHE M 120 3.10 9.17 -11.83
N GLY M 121 3.51 8.80 -13.02
CA GLY M 121 2.92 9.32 -14.23
C GLY M 121 3.66 10.52 -14.78
N ASN M 122 3.68 10.62 -16.10
CA ASN M 122 4.36 11.70 -16.82
C ASN M 122 3.41 12.86 -17.03
N ASP M 123 3.77 14.01 -16.47
CA ASP M 123 3.06 15.26 -16.68
C ASP M 123 1.58 15.15 -16.35
N GLY N 73 32.38 -24.77 -16.11
CA GLY N 73 32.84 -25.75 -15.14
C GLY N 73 31.75 -26.21 -14.20
N THR N 74 31.96 -27.36 -13.57
CA THR N 74 30.98 -27.89 -12.64
C THR N 74 30.97 -27.14 -11.31
N HIS N 75 29.81 -27.12 -10.68
CA HIS N 75 29.59 -26.51 -9.38
C HIS N 75 28.86 -27.51 -8.51
N ASN N 76 29.40 -27.79 -7.34
CA ASN N 76 28.82 -28.78 -6.44
C ASN N 76 28.67 -28.18 -5.06
N GLN N 77 27.54 -28.48 -4.42
CA GLN N 77 27.30 -28.04 -3.06
C GLN N 77 26.67 -29.17 -2.29
N TRP N 78 27.31 -29.57 -1.20
CA TRP N 78 26.76 -30.55 -0.28
C TRP N 78 26.27 -29.83 0.95
N ASN N 79 24.97 -29.81 1.17
CA ASN N 79 24.37 -29.18 2.32
C ASN N 79 23.89 -30.26 3.27
N LYS N 80 24.52 -30.36 4.43
CA LYS N 80 24.15 -31.35 5.45
C LYS N 80 23.95 -30.66 6.79
N PRO N 81 22.83 -29.94 6.96
CA PRO N 81 22.47 -29.50 8.30
C PRO N 81 21.58 -30.53 8.98
N SER N 82 21.65 -30.57 10.31
CA SER N 82 20.79 -31.46 11.10
C SER N 82 19.99 -30.60 12.06
N LYS N 83 18.68 -30.59 11.89
CA LYS N 83 17.77 -29.74 12.66
C LYS N 83 18.11 -28.24 12.52
N PRO N 84 18.09 -27.70 11.31
CA PRO N 84 18.25 -26.25 11.17
C PRO N 84 16.92 -25.54 11.32
N LYS N 85 16.88 -24.58 12.25
CA LYS N 85 15.66 -23.82 12.46
C LYS N 85 15.93 -22.35 12.18
N THR N 86 15.14 -21.76 11.30
CA THR N 86 15.39 -20.43 10.78
C THR N 86 14.15 -19.57 10.98
N ASN N 87 14.33 -18.36 11.47
CA ASN N 87 13.23 -17.44 11.73
C ASN N 87 13.44 -16.16 10.95
N MET N 88 12.41 -15.76 10.21
CA MET N 88 12.33 -14.42 9.62
C MET N 88 11.08 -13.76 10.17
N LYS N 89 11.24 -12.76 11.03
CA LYS N 89 10.11 -12.15 11.68
C LYS N 89 10.22 -10.64 11.64
N HIS N 90 9.08 -9.98 11.52
CA HIS N 90 8.97 -8.53 11.61
C HIS N 90 9.87 -7.81 10.60
N MET N 91 9.83 -8.26 9.36
CA MET N 91 10.72 -7.72 8.35
C MET N 91 9.90 -7.24 7.15
N ALA N 92 10.41 -6.22 6.47
CA ALA N 92 9.73 -5.64 5.33
C ALA N 92 10.73 -5.40 4.21
N GLY N 93 10.30 -5.61 2.97
CA GLY N 93 11.14 -5.27 1.84
C GLY N 93 11.37 -3.78 1.71
N ALA N 94 10.30 -3.00 1.86
CA ALA N 94 10.39 -1.54 1.83
C ALA N 94 9.28 -0.99 2.69
N ALA N 95 9.59 -0.03 3.54
CA ALA N 95 8.62 0.57 4.43
C ALA N 95 8.69 2.09 4.31
N ALA N 96 7.56 2.73 4.15
CA ALA N 96 7.51 4.18 4.02
C ALA N 96 6.39 4.72 4.90
N ALA N 97 6.69 5.74 5.70
CA ALA N 97 5.70 6.41 6.53
C ALA N 97 5.87 7.90 6.27
N GLY N 98 5.05 8.45 5.38
CA GLY N 98 5.19 9.83 4.99
C GLY N 98 3.90 10.60 5.23
N ALA N 99 3.99 11.90 5.02
CA ALA N 99 2.85 12.78 5.22
C ALA N 99 3.11 14.08 4.50
N VAL N 100 2.10 14.55 3.76
CA VAL N 100 2.14 15.86 3.13
C VAL N 100 1.04 16.69 3.78
N VAL N 101 1.43 17.69 4.56
CA VAL N 101 0.51 18.47 5.37
C VAL N 101 0.61 19.93 4.97
N GLY N 102 -0.48 20.65 5.12
CA GLY N 102 -0.46 22.08 5.00
C GLY N 102 -1.61 22.57 4.15
N GLY N 103 -1.52 23.83 3.72
CA GLY N 103 -2.63 24.45 3.02
C GLY N 103 -3.05 23.70 1.77
N LEU N 104 -2.08 23.23 1.00
CA LEU N 104 -2.35 22.46 -0.22
C LEU N 104 -3.37 23.16 -1.11
N GLY N 105 -3.22 24.47 -1.27
CA GLY N 105 -4.08 25.21 -2.16
C GLY N 105 -5.42 25.64 -1.59
N GLY N 106 -5.67 25.36 -0.31
CA GLY N 106 -6.93 25.69 0.32
C GLY N 106 -6.77 26.75 1.39
N TYR N 107 -7.91 27.09 1.99
CA TYR N 107 -8.00 28.17 2.95
C TYR N 107 -8.46 27.60 4.29
N MET N 108 -7.55 27.43 5.22
CA MET N 108 -7.83 26.76 6.47
C MET N 108 -7.62 27.72 7.63
N LEU N 109 -8.55 27.72 8.57
CA LEU N 109 -8.40 28.50 9.80
C LEU N 109 -8.29 27.55 10.98
N GLY N 110 -7.49 26.51 10.82
CA GLY N 110 -7.25 25.57 11.87
C GLY N 110 -5.95 24.84 11.66
N SER N 111 -5.63 23.98 12.61
CA SER N 111 -4.41 23.21 12.58
C SER N 111 -4.61 21.95 11.75
N ALA N 112 -3.64 21.65 10.90
CA ALA N 112 -3.62 20.41 10.15
C ALA N 112 -2.45 19.57 10.65
N MET N 113 -2.76 18.47 11.31
CA MET N 113 -1.73 17.54 11.75
C MET N 113 -1.91 16.15 11.15
N SER N 114 -0.83 15.39 11.14
CA SER N 114 -0.81 14.07 10.53
C SER N 114 0.27 13.24 11.20
N ARG N 115 -0.10 12.09 11.73
CA ARG N 115 0.83 11.23 12.46
C ARG N 115 0.74 9.80 11.93
N PRO N 116 1.28 9.55 10.74
CA PRO N 116 1.32 8.17 10.23
C PRO N 116 2.30 7.33 11.03
N MET N 117 1.83 6.21 11.53
CA MET N 117 2.63 5.31 12.34
C MET N 117 2.78 3.98 11.65
N MET N 118 3.97 3.43 11.66
CA MET N 118 4.21 2.09 11.15
C MET N 118 5.00 1.32 12.19
N HIS N 119 4.53 0.12 12.52
CA HIS N 119 5.10 -0.67 13.59
C HIS N 119 5.26 -2.09 13.11
N PHE N 120 6.45 -2.66 13.27
CA PHE N 120 6.72 -4.00 12.79
C PHE N 120 6.37 -5.07 13.82
N GLY N 121 5.96 -4.68 15.00
CA GLY N 121 5.53 -5.62 16.02
C GLY N 121 6.64 -6.02 16.97
N ASN N 122 6.25 -6.26 18.22
CA ASN N 122 7.18 -6.65 19.27
C ASN N 122 7.30 -8.17 19.33
N ASP N 123 8.52 -8.64 19.12
CA ASP N 123 8.84 -10.06 19.26
C ASP N 123 7.94 -10.96 18.44
N GLY O 73 0.25 38.73 22.33
CA GLY O 73 0.20 39.87 21.44
C GLY O 73 -0.49 39.56 20.12
N THR O 74 -0.92 40.61 19.43
CA THR O 74 -1.59 40.44 18.15
C THR O 74 -0.62 40.06 17.04
N HIS O 75 -1.13 39.32 16.06
CA HIS O 75 -0.40 38.91 14.87
C HIS O 75 -1.26 39.23 13.67
N ASN O 76 -0.69 39.96 12.72
CA ASN O 76 -1.44 40.38 11.54
C ASN O 76 -0.65 40.03 10.30
N GLN O 77 -1.34 39.53 9.28
CA GLN O 77 -0.71 39.24 8.01
C GLN O 77 -1.63 39.70 6.88
N TRP O 78 -1.13 40.57 6.03
CA TRP O 78 -1.84 41.02 4.84
C TRP O 78 -1.21 40.32 3.64
N ASN O 79 -1.96 39.44 3.01
CA ASN O 79 -1.50 38.72 1.83
C ASN O 79 -2.23 39.28 0.63
N LYS O 80 -1.49 39.94 -0.26
CA LYS O 80 -2.06 40.52 -1.48
C LYS O 80 -1.24 40.07 -2.68
N PRO O 81 -1.40 38.82 -3.11
CA PRO O 81 -0.87 38.41 -4.41
C PRO O 81 -1.90 38.62 -5.51
N SER O 82 -1.43 38.87 -6.71
CA SER O 82 -2.31 39.01 -7.87
C SER O 82 -1.89 37.98 -8.90
N LYS O 83 -2.80 37.04 -9.19
CA LYS O 83 -2.52 35.90 -10.06
C LYS O 83 -1.32 35.07 -9.59
N PRO O 84 -1.38 34.51 -8.39
CA PRO O 84 -0.33 33.58 -7.97
C PRO O 84 -0.64 32.17 -8.46
N LYS O 85 0.32 31.58 -9.19
CA LYS O 85 0.14 30.22 -9.66
C LYS O 85 1.22 29.33 -9.09
N THR O 86 0.81 28.25 -8.44
CA THR O 86 1.71 27.41 -7.66
C THR O 86 1.57 25.98 -8.14
N ASN O 87 2.70 25.30 -8.35
CA ASN O 87 2.72 23.92 -8.80
C ASN O 87 3.45 23.05 -7.81
N MET O 88 2.83 21.95 -7.41
CA MET O 88 3.48 20.87 -6.68
C MET O 88 3.32 19.62 -7.51
N LYS O 89 4.41 19.14 -8.10
CA LYS O 89 4.34 18.01 -8.99
C LYS O 89 5.44 17.00 -8.68
N HIS O 90 5.12 15.72 -8.84
CA HIS O 90 6.09 14.63 -8.74
C HIS O 90 6.80 14.61 -7.39
N MET O 91 6.03 14.74 -6.32
CA MET O 91 6.62 14.83 -5.00
C MET O 91 6.02 13.78 -4.08
N ALA O 92 6.81 13.32 -3.12
CA ALA O 92 6.37 12.28 -2.19
C ALA O 92 6.78 12.66 -0.78
N GLY O 93 5.94 12.34 0.19
CA GLY O 93 6.32 12.54 1.57
C GLY O 93 7.45 11.62 2.00
N ALA O 94 7.36 10.35 1.64
CA ALA O 94 8.40 9.38 1.91
C ALA O 94 8.36 8.32 0.83
N ALA O 95 9.51 7.98 0.30
CA ALA O 95 9.62 6.99 -0.76
C ALA O 95 10.67 5.96 -0.38
N ALA O 96 10.33 4.68 -0.52
CA ALA O 96 11.25 3.60 -0.19
C ALA O 96 11.20 2.57 -1.30
N ALA O 97 12.37 2.16 -1.77
CA ALA O 97 12.49 1.10 -2.78
C ALA O 97 13.54 0.13 -2.25
N GLY O 98 13.09 -0.95 -1.61
CA GLY O 98 13.98 -1.88 -0.99
C GLY O 98 13.78 -3.28 -1.53
N ALA O 99 14.66 -4.17 -1.10
CA ALA O 99 14.60 -5.55 -1.53
C ALA O 99 15.41 -6.40 -0.56
N VAL O 100 14.84 -7.53 -0.14
CA VAL O 100 15.54 -8.52 0.65
C VAL O 100 15.64 -9.78 -0.18
N VAL O 101 16.84 -10.12 -0.61
CA VAL O 101 17.07 -11.20 -1.56
C VAL O 101 18.00 -12.22 -0.93
N GLY O 102 17.85 -13.46 -1.32
CA GLY O 102 18.81 -14.49 -0.98
C GLY O 102 18.11 -15.74 -0.50
N GLY O 103 18.90 -16.62 0.12
CA GLY O 103 18.36 -17.92 0.50
C GLY O 103 17.15 -17.84 1.40
N LEU O 104 17.17 -16.95 2.38
CA LEU O 104 16.06 -16.74 3.29
C LEU O 104 15.58 -18.06 3.89
N GLY O 105 16.51 -18.90 4.29
CA GLY O 105 16.16 -20.15 4.95
C GLY O 105 15.80 -21.29 4.03
N GLY O 106 15.89 -21.11 2.71
CA GLY O 106 15.54 -22.13 1.77
C GLY O 106 16.73 -22.64 0.98
N TYR O 107 16.45 -23.59 0.10
CA TYR O 107 17.47 -24.29 -0.67
C TYR O 107 17.25 -24.03 -2.13
N MET O 108 18.04 -23.16 -2.72
CA MET O 108 17.83 -22.71 -4.09
C MET O 108 19.03 -23.09 -4.94
N LEU O 109 18.76 -23.62 -6.14
CA LEU O 109 19.81 -23.89 -7.09
C LEU O 109 19.64 -22.99 -8.30
N GLY O 110 19.38 -21.72 -8.05
CA GLY O 110 19.25 -20.75 -9.10
C GLY O 110 19.51 -19.36 -8.57
N SER O 111 19.44 -18.41 -9.48
CA SER O 111 19.68 -17.02 -9.16
C SER O 111 18.41 -16.37 -8.66
N ALA O 112 18.53 -15.60 -7.58
CA ALA O 112 17.43 -14.80 -7.08
C ALA O 112 17.76 -13.33 -7.29
N MET O 113 17.04 -12.68 -8.18
CA MET O 113 17.22 -11.25 -8.38
C MET O 113 15.94 -10.48 -8.10
N SER O 114 16.10 -9.18 -7.85
CA SER O 114 15.00 -8.32 -7.48
C SER O 114 15.35 -6.89 -7.86
N ARG O 115 14.50 -6.26 -8.67
CA ARG O 115 14.75 -4.91 -9.17
C ARG O 115 13.54 -4.03 -8.93
N PRO O 116 13.30 -3.63 -7.68
CA PRO O 116 12.20 -2.70 -7.42
C PRO O 116 12.53 -1.32 -7.95
N MET O 117 11.63 -0.78 -8.76
CA MET O 117 11.81 0.52 -9.38
C MET O 117 10.73 1.47 -8.89
N MET O 118 11.13 2.69 -8.60
CA MET O 118 10.18 3.73 -8.25
C MET O 118 10.51 4.96 -9.07
N HIS O 119 9.51 5.53 -9.71
CA HIS O 119 9.69 6.64 -10.65
C HIS O 119 8.65 7.69 -10.36
N PHE O 120 9.08 8.94 -10.20
CA PHE O 120 8.16 10.01 -9.88
C PHE O 120 7.57 10.67 -11.12
N GLY O 121 7.99 10.27 -12.30
CA GLY O 121 7.41 10.76 -13.53
C GLY O 121 8.17 11.94 -14.10
N ASN O 122 8.20 12.01 -15.43
CA ASN O 122 8.89 13.07 -16.16
C ASN O 122 7.94 14.23 -16.41
N ASP O 123 8.31 15.40 -15.88
CA ASP O 123 7.60 16.64 -16.13
C ASP O 123 6.12 16.53 -15.81
N GLY P 73 36.67 -23.55 -14.22
CA GLY P 73 37.11 -24.52 -13.24
C GLY P 73 36.01 -24.94 -12.29
N THR P 74 36.21 -26.08 -11.63
CA THR P 74 35.22 -26.59 -10.69
C THR P 74 35.20 -25.80 -9.39
N HIS P 75 34.03 -25.75 -8.77
CA HIS P 75 33.80 -25.10 -7.49
C HIS P 75 33.06 -26.08 -6.61
N ASN P 76 33.59 -26.34 -5.42
CA ASN P 76 32.99 -27.30 -4.51
C ASN P 76 32.82 -26.67 -3.14
N GLN P 77 31.70 -26.94 -2.50
CA GLN P 77 31.44 -26.46 -1.15
C GLN P 77 30.79 -27.56 -0.35
N TRP P 78 31.42 -27.95 0.75
CA TRP P 78 30.86 -28.90 1.68
C TRP P 78 30.36 -28.15 2.90
N ASN P 79 29.06 -28.11 3.09
CA ASN P 79 28.45 -27.44 4.23
C ASN P 79 27.96 -28.50 5.19
N LYS P 80 28.57 -28.58 6.36
CA LYS P 80 28.18 -29.54 7.40
C LYS P 80 27.98 -28.81 8.72
N PRO P 81 26.87 -28.09 8.86
CA PRO P 81 26.48 -27.60 10.19
C PRO P 81 25.59 -28.62 10.90
N SER P 82 25.65 -28.62 12.21
CA SER P 82 24.77 -29.47 13.01
C SER P 82 23.97 -28.58 13.96
N LYS P 83 22.65 -28.58 13.78
CA LYS P 83 21.74 -27.69 14.50
C LYS P 83 22.11 -26.22 14.33
N PRO P 84 22.09 -25.70 13.11
CA PRO P 84 22.27 -24.25 12.93
C PRO P 84 20.94 -23.53 13.06
N LYS P 85 20.89 -22.56 13.96
CA LYS P 85 19.68 -21.78 14.14
C LYS P 85 19.96 -20.33 13.82
N THR P 86 19.18 -19.75 12.91
CA THR P 86 19.45 -18.43 12.37
C THR P 86 18.21 -17.56 12.53
N ASN P 87 18.40 -16.34 13.00
CA ASN P 87 17.30 -15.40 13.22
C ASN P 87 17.52 -14.15 12.41
N MET P 88 16.50 -13.74 11.65
CA MET P 88 16.44 -12.43 11.03
C MET P 88 15.18 -11.75 11.55
N LYS P 89 15.34 -10.74 12.38
CA LYS P 89 14.21 -10.10 13.01
C LYS P 89 14.34 -8.59 12.92
N HIS P 90 13.19 -7.92 12.77
CA HIS P 90 13.10 -6.47 12.83
C HIS P 90 14.01 -5.78 11.81
N MET P 91 13.97 -6.27 10.58
CA MET P 91 14.87 -5.76 9.57
C MET P 91 14.08 -5.30 8.35
N ALA P 92 14.60 -4.30 7.65
CA ALA P 92 13.94 -3.75 6.49
C ALA P 92 14.95 -3.55 5.37
N GLY P 93 14.52 -3.79 4.14
CA GLY P 93 15.38 -3.48 3.00
C GLY P 93 15.62 -1.99 2.85
N ALA P 94 14.57 -1.20 2.95
CA ALA P 94 14.66 0.25 2.89
C ALA P 94 13.53 0.83 3.72
N ALA P 95 13.85 1.81 4.55
CA ALA P 95 12.87 2.45 5.42
C ALA P 95 12.97 3.95 5.25
N ALA P 96 11.83 4.60 5.07
CA ALA P 96 11.78 6.05 4.91
C ALA P 96 10.66 6.61 5.75
N ALA P 97 10.97 7.65 6.53
CA ALA P 97 9.97 8.36 7.34
C ALA P 97 10.15 9.84 7.05
N GLY P 98 9.35 10.36 6.13
CA GLY P 98 9.50 11.74 5.71
C GLY P 98 8.22 12.52 5.92
N ALA P 99 8.32 13.82 5.69
CA ALA P 99 7.18 14.70 5.84
C ALA P 99 7.45 15.99 5.08
N VAL P 100 6.45 16.45 4.33
CA VAL P 100 6.50 17.74 3.67
C VAL P 100 5.41 18.59 4.29
N VAL P 101 5.79 19.62 5.03
CA VAL P 101 4.87 20.41 5.81
C VAL P 101 4.98 21.86 5.40
N GLY P 102 3.89 22.59 5.51
CA GLY P 102 3.93 24.02 5.34
C GLY P 102 2.79 24.49 4.47
N GLY P 103 2.89 25.74 4.03
CA GLY P 103 1.79 26.35 3.30
C GLY P 103 1.39 25.57 2.06
N LEU P 104 2.35 25.08 1.30
CA LEU P 104 2.09 24.28 0.11
C LEU P 104 1.08 24.96 -0.81
N GLY P 105 1.25 26.26 -1.01
CA GLY P 105 0.40 26.98 -1.93
C GLY P 105 -0.94 27.43 -1.38
N GLY P 106 -1.21 27.20 -0.09
CA GLY P 106 -2.47 27.54 0.51
C GLY P 106 -2.32 28.63 1.56
N TYR P 107 -3.45 28.99 2.15
CA TYR P 107 -3.55 30.10 3.08
C TYR P 107 -4.03 29.56 4.42
N MET P 108 -3.12 29.42 5.36
CA MET P 108 -3.42 28.78 6.63
C MET P 108 -3.22 29.77 7.76
N LEU P 109 -4.16 29.80 8.70
CA LEU P 109 -4.01 30.60 9.90
C LEU P 109 -3.92 29.68 11.11
N GLY P 110 -3.13 28.64 10.98
CA GLY P 110 -2.91 27.72 12.07
C GLY P 110 -1.61 26.98 11.88
N SER P 111 -1.31 26.14 12.85
CA SER P 111 -0.09 25.36 12.85
C SER P 111 -0.29 24.08 12.06
N ALA P 112 0.68 23.76 11.22
CA ALA P 112 0.71 22.50 10.51
C ALA P 112 1.87 21.67 11.04
N MET P 113 1.55 20.58 11.73
CA MET P 113 2.57 19.66 12.20
C MET P 113 2.37 18.26 11.63
N SER P 114 3.45 17.48 11.65
CA SER P 114 3.47 16.15 11.07
C SER P 114 4.54 15.34 11.77
N ARG P 115 4.15 14.20 12.33
CA ARG P 115 5.07 13.35 13.10
C ARG P 115 4.98 11.92 12.60
N PRO P 116 5.53 11.63 11.43
CA PRO P 116 5.55 10.24 10.95
C PRO P 116 6.53 9.41 11.78
N MET P 117 6.04 8.30 12.31
CA MET P 117 6.84 7.43 13.15
C MET P 117 6.98 6.07 12.48
N MET P 118 8.17 5.52 12.53
CA MET P 118 8.40 4.16 12.06
C MET P 118 9.17 3.41 13.12
N HIS P 119 8.70 2.23 13.47
CA HIS P 119 9.26 1.46 14.57
C HIS P 119 9.41 0.02 14.12
N PHE P 120 10.59 -0.55 14.32
CA PHE P 120 10.85 -1.90 13.87
C PHE P 120 10.50 -2.94 14.92
N GLY P 121 10.08 -2.52 16.11
CA GLY P 121 9.63 -3.43 17.13
C GLY P 121 10.73 -3.81 18.10
N ASN P 122 10.33 -4.02 19.35
CA ASN P 122 11.24 -4.39 20.43
C ASN P 122 11.36 -5.90 20.52
N ASP P 123 12.57 -6.40 20.34
CA ASP P 123 12.89 -7.82 20.52
C ASP P 123 11.98 -8.71 19.70
N GLY Q 73 4.50 41.09 22.24
CA GLY Q 73 4.46 42.21 21.32
C GLY Q 73 3.80 41.88 20.01
N THR Q 74 3.37 42.90 19.29
CA THR Q 74 2.71 42.70 18.01
C THR Q 74 3.69 42.29 16.91
N HIS Q 75 3.19 41.53 15.95
CA HIS Q 75 3.94 41.09 14.79
C HIS Q 75 3.09 41.38 13.56
N ASN Q 76 3.66 42.09 12.60
CA ASN Q 76 2.94 42.47 11.39
C ASN Q 76 3.74 42.09 10.17
N GLN Q 77 3.06 41.58 9.16
CA GLN Q 77 3.69 41.25 7.90
C GLN Q 77 2.80 41.68 6.76
N TRP Q 78 3.31 42.54 5.89
CA TRP Q 78 2.62 42.95 4.68
C TRP Q 78 3.24 42.23 3.51
N ASN Q 79 2.50 41.33 2.90
CA ASN Q 79 2.97 40.58 1.73
C ASN Q 79 2.26 41.12 0.51
N LYS Q 80 3.01 41.75 -0.38
CA LYS Q 80 2.46 42.30 -1.63
C LYS Q 80 3.28 41.82 -2.82
N PRO Q 81 3.13 40.55 -3.21
CA PRO Q 81 3.67 40.12 -4.49
C PRO Q 81 2.65 40.31 -5.60
N SER Q 82 3.13 40.52 -6.81
CA SER Q 82 2.27 40.63 -7.98
C SER Q 82 2.69 39.56 -8.98
N LYS Q 83 1.79 38.63 -9.25
CA LYS Q 83 2.07 37.48 -10.10
C LYS Q 83 3.26 36.64 -9.60
N PRO Q 84 3.18 36.11 -8.38
CA PRO Q 84 4.22 35.19 -7.93
C PRO Q 84 3.92 33.77 -8.38
N LYS Q 85 4.87 33.16 -9.08
CA LYS Q 85 4.69 31.79 -9.54
C LYS Q 85 5.77 30.91 -8.92
N THR Q 86 5.35 29.85 -8.25
CA THR Q 86 6.24 29.02 -7.45
C THR Q 86 6.09 27.58 -7.88
N ASN Q 87 7.22 26.89 -8.06
CA ASN Q 87 7.24 25.51 -8.48
C ASN Q 87 7.95 24.65 -7.46
N MET Q 88 7.32 23.57 -7.04
CA MET Q 88 7.96 22.50 -6.28
C MET Q 88 7.81 21.22 -7.08
N LYS Q 89 8.90 20.72 -7.64
CA LYS Q 89 8.83 19.57 -8.51
C LYS Q 89 9.93 18.58 -8.16
N HIS Q 90 9.60 17.30 -8.29
CA HIS Q 90 10.56 16.20 -8.15
C HIS Q 90 11.26 16.21 -6.79
N MET Q 91 10.47 16.37 -5.74
CA MET Q 91 11.05 16.50 -4.41
C MET Q 91 10.44 15.46 -3.48
N ALA Q 92 11.22 15.02 -2.50
CA ALA Q 92 10.77 14.02 -1.55
C ALA Q 92 11.16 14.43 -0.14
N GLY Q 93 10.30 14.14 0.83
CA GLY Q 93 10.67 14.37 2.21
C GLY Q 93 11.78 13.46 2.67
N ALA Q 94 11.69 12.18 2.34
CA ALA Q 94 12.72 11.20 2.65
C ALA Q 94 12.69 10.12 1.60
N ALA Q 95 13.86 9.75 1.08
CA ALA Q 95 13.96 8.74 0.05
C ALA Q 95 15.00 7.72 0.47
N ALA Q 96 14.66 6.44 0.36
CA ALA Q 96 15.57 5.36 0.72
C ALA Q 96 15.54 4.30 -0.36
N ALA Q 97 16.71 3.88 -0.82
CA ALA Q 97 16.83 2.80 -1.79
C ALA Q 97 17.87 1.83 -1.22
N GLY Q 98 17.41 0.77 -0.56
CA GLY Q 98 18.30 -0.14 0.09
C GLY Q 98 18.09 -1.56 -0.41
N ALA Q 99 18.97 -2.44 0.05
CA ALA Q 99 18.91 -3.84 -0.34
C ALA Q 99 19.69 -4.66 0.65
N VAL Q 100 19.11 -5.78 1.09
CA VAL Q 100 19.80 -6.75 1.91
C VAL Q 100 19.90 -8.03 1.11
N VAL Q 101 21.11 -8.39 0.70
CA VAL Q 101 21.34 -9.50 -0.21
C VAL Q 101 22.26 -10.50 0.44
N GLY Q 102 22.10 -11.76 0.09
CA GLY Q 102 23.05 -12.77 0.47
C GLY Q 102 22.35 -14.01 0.97
N GLY Q 103 23.12 -14.88 1.62
CA GLY Q 103 22.58 -16.16 2.02
C GLY Q 103 21.35 -16.06 2.90
N LEU Q 104 21.37 -15.13 3.87
CA LEU Q 104 20.25 -14.91 4.76
C LEU Q 104 19.75 -16.21 5.38
N GLY Q 105 20.68 -17.05 5.82
CA GLY Q 105 20.32 -18.27 6.50
C GLY Q 105 19.97 -19.44 5.61
N GLY Q 106 20.07 -19.29 4.29
CA GLY Q 106 19.72 -20.33 3.37
C GLY Q 106 20.91 -20.86 2.60
N TYR Q 107 20.65 -21.83 1.74
CA TYR Q 107 21.67 -22.56 1.01
C TYR Q 107 21.46 -22.34 -0.47
N MET Q 108 22.27 -21.47 -1.07
CA MET Q 108 22.07 -21.07 -2.45
C MET Q 108 23.27 -21.48 -3.29
N LEU Q 109 23.02 -22.03 -4.46
CA LEU Q 109 24.08 -22.34 -5.41
C LEU Q 109 23.93 -21.45 -6.64
N GLY Q 110 23.67 -20.19 -6.41
CA GLY Q 110 23.56 -19.24 -7.49
C GLY Q 110 23.81 -17.84 -7.00
N SER Q 111 23.77 -16.91 -7.93
CA SER Q 111 24.01 -15.51 -7.64
C SER Q 111 22.73 -14.85 -7.17
N ALA Q 112 22.84 -14.06 -6.12
CA ALA Q 112 21.74 -13.23 -5.64
C ALA Q 112 22.09 -11.78 -5.88
N MET Q 113 21.38 -11.13 -6.80
CA MET Q 113 21.56 -9.71 -7.04
C MET Q 113 20.28 -8.93 -6.79
N SER Q 114 20.45 -7.63 -6.56
CA SER Q 114 19.35 -6.75 -6.23
C SER Q 114 19.71 -5.34 -6.65
N ARG Q 115 18.87 -4.72 -7.47
CA ARG Q 115 19.14 -3.38 -8.01
C ARG Q 115 17.93 -2.50 -7.80
N PRO Q 116 17.67 -2.07 -6.57
CA PRO Q 116 16.57 -1.12 -6.34
C PRO Q 116 16.91 0.25 -6.91
N MET Q 117 16.02 0.77 -7.73
CA MET Q 117 16.22 2.05 -8.38
C MET Q 117 15.15 3.01 -7.93
N MET Q 118 15.55 4.25 -7.66
CA MET Q 118 14.59 5.30 -7.36
C MET Q 118 14.94 6.51 -8.21
N HIS Q 119 13.95 7.07 -8.87
CA HIS Q 119 14.15 8.14 -9.83
C HIS Q 119 13.11 9.21 -9.58
N PHE Q 120 13.54 10.45 -9.45
CA PHE Q 120 12.62 11.55 -9.16
C PHE Q 120 12.04 12.18 -10.42
N GLY Q 121 12.48 11.74 -11.58
CA GLY Q 121 11.91 12.21 -12.83
C GLY Q 121 12.69 13.37 -13.43
N ASN Q 122 12.72 13.40 -14.75
CA ASN Q 122 13.43 14.44 -15.50
C ASN Q 122 12.49 15.60 -15.78
N ASP Q 123 12.86 16.77 -15.29
CA ASP Q 123 12.16 18.02 -15.57
C ASP Q 123 10.68 17.93 -15.26
N GLY R 73 41.01 -22.30 -12.33
CA GLY R 73 41.43 -23.24 -11.32
C GLY R 73 40.32 -23.63 -10.37
N THR R 74 40.50 -24.75 -9.67
CA THR R 74 39.50 -25.23 -8.74
C THR R 74 39.47 -24.41 -7.45
N HIS R 75 38.29 -24.34 -6.86
CA HIS R 75 38.06 -23.66 -5.59
C HIS R 75 37.30 -24.62 -4.69
N ASN R 76 37.81 -24.84 -3.49
CA ASN R 76 37.19 -25.78 -2.56
C ASN R 76 37.02 -25.10 -1.22
N GLN R 77 35.89 -25.35 -0.58
CA GLN R 77 35.62 -24.84 0.75
C GLN R 77 34.96 -25.92 1.57
N TRP R 78 35.57 -26.28 2.69
CA TRP R 78 34.98 -27.21 3.64
C TRP R 78 34.49 -26.42 4.83
N ASN R 79 33.17 -26.37 5.00
CA ASN R 79 32.57 -25.67 6.13
C ASN R 79 32.06 -26.70 7.11
N LYS R 80 32.66 -26.75 8.29
CA LYS R 80 32.26 -27.68 9.35
C LYS R 80 32.03 -26.93 10.65
N PRO R 81 30.94 -26.19 10.76
CA PRO R 81 30.53 -25.67 12.07
C PRO R 81 29.63 -26.66 12.79
N SER R 82 29.66 -26.63 14.11
CA SER R 82 28.78 -27.46 14.92
C SER R 82 27.98 -26.55 15.83
N LYS R 83 26.66 -26.54 15.63
CA LYS R 83 25.75 -25.63 16.33
C LYS R 83 26.11 -24.16 16.13
N PRO R 84 26.12 -23.67 14.89
CA PRO R 84 26.30 -22.24 14.68
C PRO R 84 24.99 -21.50 14.77
N LYS R 85 24.93 -20.50 15.64
CA LYS R 85 23.72 -19.72 15.79
C LYS R 85 24.02 -18.26 15.44
N THR R 86 23.24 -17.71 14.51
CA THR R 86 23.52 -16.41 13.94
C THR R 86 22.29 -15.53 14.06
N ASN R 87 22.48 -14.29 14.51
CA ASN R 87 21.38 -13.35 14.69
C ASN R 87 21.62 -12.11 13.84
N MET R 88 20.61 -11.73 13.07
CA MET R 88 20.56 -10.43 12.41
C MET R 88 19.30 -9.74 12.90
N LYS R 89 19.46 -8.70 13.71
CA LYS R 89 18.32 -8.04 14.32
C LYS R 89 18.46 -6.53 14.19
N HIS R 90 17.33 -5.86 14.01
CA HIS R 90 17.23 -4.41 14.03
C HIS R 90 18.16 -3.76 13.00
N MET R 91 18.14 -4.27 11.78
CA MET R 91 19.04 -3.79 10.77
C MET R 91 18.27 -3.36 9.54
N ALA R 92 18.80 -2.38 8.81
CA ALA R 92 18.16 -1.86 7.62
C ALA R 92 19.18 -1.69 6.52
N GLY R 93 18.77 -1.95 5.29
CA GLY R 93 19.64 -1.68 4.16
C GLY R 93 19.89 -0.20 3.96
N ALA R 94 18.84 0.61 4.04
CA ALA R 94 18.94 2.05 3.94
C ALA R 94 17.80 2.66 4.74
N ALA R 95 18.12 3.66 5.55
CA ALA R 95 17.13 4.32 6.39
C ALA R 95 17.24 5.81 6.20
N ALA R 96 16.11 6.47 5.97
CA ALA R 96 16.08 7.91 5.77
C ALA R 96 14.95 8.51 6.60
N ALA R 97 15.24 9.56 7.36
CA ALA R 97 14.24 10.29 8.13
C ALA R 97 14.44 11.76 7.80
N GLY R 98 13.65 12.27 6.87
CA GLY R 98 13.81 13.62 6.40
C GLY R 98 12.53 14.42 6.59
N ALA R 99 12.64 15.71 6.31
CA ALA R 99 11.51 16.60 6.44
C ALA R 99 11.79 17.87 5.65
N VAL R 100 10.81 18.32 4.88
CA VAL R 100 10.86 19.59 4.19
C VAL R 100 9.77 20.46 4.76
N VAL R 101 10.16 21.50 5.50
CA VAL R 101 9.23 22.32 6.24
C VAL R 101 9.36 23.77 5.79
N GLY R 102 8.27 24.51 5.87
CA GLY R 102 8.31 25.93 5.67
C GLY R 102 7.18 26.38 4.78
N GLY R 103 7.30 27.62 4.29
CA GLY R 103 6.21 28.22 3.54
C GLY R 103 5.81 27.40 2.32
N LEU R 104 6.79 26.89 1.59
CA LEU R 104 6.53 26.06 0.41
C LEU R 104 5.54 26.73 -0.54
N GLY R 105 5.71 28.02 -0.76
CA GLY R 105 4.88 28.73 -1.71
C GLY R 105 3.54 29.19 -1.18
N GLY R 106 3.25 28.99 0.10
CA GLY R 106 1.99 29.37 0.68
C GLY R 106 2.13 30.47 1.71
N TYR R 107 0.99 30.85 2.26
CA TYR R 107 0.89 31.98 3.17
C TYR R 107 0.40 31.49 4.52
N MET R 108 1.29 31.36 5.48
CA MET R 108 0.96 30.76 6.76
C MET R 108 1.17 31.77 7.87
N LEU R 109 0.21 31.83 8.79
CA LEU R 109 0.35 32.66 9.98
C LEU R 109 0.44 31.78 11.21
N GLY R 110 1.22 30.72 11.11
CA GLY R 110 1.42 29.83 12.23
C GLY R 110 2.72 29.07 12.07
N SER R 111 3.01 28.26 13.07
CA SER R 111 4.22 27.48 13.10
C SER R 111 4.02 26.19 12.33
N ALA R 112 5.01 25.83 11.52
CA ALA R 112 5.04 24.55 10.83
C ALA R 112 6.17 23.72 11.41
N MET R 113 5.84 22.66 12.12
CA MET R 113 6.85 21.74 12.62
C MET R 113 6.66 20.34 12.09
N SER R 114 7.73 19.55 12.14
CA SER R 114 7.76 18.21 11.59
C SER R 114 8.81 17.40 12.33
N ARG R 115 8.42 16.28 12.90
CA ARG R 115 9.30 15.46 13.71
C ARG R 115 9.22 14.01 13.24
N PRO R 116 9.78 13.69 12.09
CA PRO R 116 9.81 12.29 11.65
C PRO R 116 10.77 11.48 12.50
N MET R 117 10.27 10.38 13.05
CA MET R 117 11.05 9.52 13.92
C MET R 117 11.18 8.16 13.29
N MET R 118 12.38 7.59 13.36
CA MET R 118 12.60 6.22 12.94
C MET R 118 13.36 5.50 14.02
N HIS R 119 12.88 4.33 14.40
CA HIS R 119 13.41 3.59 15.53
C HIS R 119 13.57 2.13 15.12
N PHE R 120 14.75 1.56 15.33
CA PHE R 120 15.00 0.19 14.93
C PHE R 120 14.63 -0.81 16.00
N GLY R 121 14.20 -0.36 17.16
CA GLY R 121 13.74 -1.24 18.20
C GLY R 121 14.82 -1.61 19.20
N ASN R 122 14.40 -1.78 20.45
CA ASN R 122 15.30 -2.13 21.55
C ASN R 122 15.41 -3.63 21.68
N ASP R 123 16.62 -4.14 21.52
CA ASP R 123 16.94 -5.55 21.74
C ASP R 123 16.03 -6.48 20.95
N GLY S 73 8.79 43.43 22.14
CA GLY S 73 8.76 44.53 21.19
C GLY S 73 8.11 44.16 19.88
N THR S 74 7.70 45.17 19.12
CA THR S 74 7.06 44.95 17.84
C THR S 74 8.05 44.51 16.77
N HIS S 75 7.55 43.72 15.82
CA HIS S 75 8.31 43.24 14.68
C HIS S 75 7.49 43.51 13.43
N ASN S 76 8.07 44.19 12.45
CA ASN S 76 7.36 44.56 11.24
C ASN S 76 8.18 44.13 10.04
N GLN S 77 7.49 43.60 9.02
CA GLN S 77 8.15 43.23 7.78
C GLN S 77 7.26 43.65 6.63
N TRP S 78 7.80 44.47 5.74
CA TRP S 78 7.12 44.86 4.52
C TRP S 78 7.76 44.11 3.37
N ASN S 79 7.01 43.19 2.76
CA ASN S 79 7.49 42.42 1.63
C ASN S 79 6.79 42.93 0.38
N LYS S 80 7.56 43.54 -0.51
CA LYS S 80 7.04 44.05 -1.78
C LYS S 80 7.86 43.54 -2.95
N PRO S 81 7.71 42.27 -3.31
CA PRO S 81 8.26 41.79 -4.57
C PRO S 81 7.26 41.96 -5.70
N SER S 82 7.76 42.15 -6.91
CA SER S 82 6.91 42.23 -8.09
C SER S 82 7.33 41.14 -9.06
N LYS S 83 6.43 40.20 -9.32
CA LYS S 83 6.71 39.02 -10.13
C LYS S 83 7.89 38.20 -9.59
N PRO S 84 7.79 37.69 -8.37
CA PRO S 84 8.83 36.78 -7.89
C PRO S 84 8.52 35.35 -8.30
N LYS S 85 9.48 34.72 -8.97
CA LYS S 85 9.30 33.34 -9.39
C LYS S 85 10.36 32.47 -8.74
N THR S 86 9.92 31.43 -8.05
CA THR S 86 10.80 30.62 -7.22
C THR S 86 10.66 29.15 -7.61
N ASN S 87 11.78 28.46 -7.77
CA ASN S 87 11.79 27.07 -8.16
C ASN S 87 12.49 26.24 -7.11
N MET S 88 11.85 25.17 -6.66
CA MET S 88 12.48 24.12 -5.87
C MET S 88 12.32 22.82 -6.64
N LYS S 89 13.41 22.30 -7.17
CA LYS S 89 13.35 21.13 -8.01
C LYS S 89 14.43 20.14 -7.62
N HIS S 90 14.10 18.84 -7.72
CA HIS S 90 15.05 17.76 -7.54
C HIS S 90 15.73 17.80 -6.18
N MET S 91 14.94 17.99 -5.15
CA MET S 91 15.50 18.14 -3.81
C MET S 91 14.87 17.13 -2.87
N ALA S 92 15.63 16.72 -1.86
CA ALA S 92 15.17 15.74 -0.89
C ALA S 92 15.55 16.18 0.51
N GLY S 93 14.67 15.92 1.47
CA GLY S 93 15.04 16.19 2.85
C GLY S 93 16.14 15.27 3.35
N ALA S 94 16.04 13.99 3.04
CA ALA S 94 17.07 13.02 3.40
C ALA S 94 17.04 11.91 2.37
N ALA S 95 18.21 11.52 1.88
CA ALA S 95 18.33 10.49 0.87
C ALA S 95 19.35 9.47 1.33
N ALA S 96 19.00 8.19 1.25
CA ALA S 96 19.90 7.11 1.65
C ALA S 96 19.87 6.03 0.60
N ALA S 97 21.04 5.58 0.16
CA ALA S 97 21.18 4.48 -0.78
C ALA S 97 22.20 3.53 -0.18
N GLY S 98 21.72 2.49 0.50
CA GLY S 98 22.60 1.57 1.19
C GLY S 98 22.39 0.15 0.73
N ALA S 99 23.25 -0.73 1.20
CA ALA S 99 23.19 -2.13 0.85
C ALA S 99 23.96 -2.93 1.88
N VAL S 100 23.37 -4.03 2.32
CA VAL S 100 24.04 -4.98 3.19
C VAL S 100 24.14 -6.29 2.42
N VAL S 101 25.36 -6.66 2.04
CA VAL S 101 25.58 -7.79 1.16
C VAL S 101 26.49 -8.78 1.85
N GLY S 102 26.33 -10.05 1.52
CA GLY S 102 27.28 -11.06 1.94
C GLY S 102 26.57 -12.28 2.47
N GLY S 103 27.32 -13.14 3.15
CA GLY S 103 26.76 -14.42 3.57
C GLY S 103 25.53 -14.27 4.44
N LEU S 104 25.55 -13.33 5.37
CA LEU S 104 24.40 -13.07 6.25
C LEU S 104 23.90 -14.36 6.90
N GLY S 105 24.82 -15.19 7.36
CA GLY S 105 24.44 -16.39 8.07
C GLY S 105 24.09 -17.57 7.20
N GLY S 106 24.21 -17.46 5.88
CA GLY S 106 23.86 -18.53 4.98
C GLY S 106 25.07 -19.08 4.25
N TYR S 107 24.80 -20.07 3.40
CA TYR S 107 25.83 -20.82 2.71
C TYR S 107 25.64 -20.63 1.21
N MET S 108 26.46 -19.80 0.61
CA MET S 108 26.28 -19.42 -0.78
C MET S 108 27.49 -19.86 -1.59
N LEU S 109 27.25 -20.44 -2.76
CA LEU S 109 28.32 -20.77 -3.68
C LEU S 109 28.19 -19.92 -4.94
N GLY S 110 27.92 -18.65 -4.75
CA GLY S 110 27.83 -17.73 -5.86
C GLY S 110 28.09 -16.32 -5.39
N SER S 111 28.06 -15.41 -6.35
CA SER S 111 28.31 -14.01 -6.09
C SER S 111 27.03 -13.32 -5.65
N ALA S 112 27.13 -12.50 -4.61
CA ALA S 112 26.04 -11.67 -4.17
C ALA S 112 26.40 -10.21 -4.45
N MET S 113 25.70 -9.59 -5.39
CA MET S 113 25.88 -8.18 -5.66
C MET S 113 24.61 -7.39 -5.44
N SER S 114 24.78 -6.09 -5.25
CA SER S 114 23.68 -5.18 -4.95
C SER S 114 24.06 -3.79 -5.40
N ARG S 115 23.23 -3.19 -6.25
CA ARG S 115 23.51 -1.87 -6.82
C ARG S 115 22.30 -0.97 -6.65
N PRO S 116 22.04 -0.50 -5.43
CA PRO S 116 20.94 0.45 -5.23
C PRO S 116 21.30 1.80 -5.83
N MET S 117 20.42 2.31 -6.68
CA MET S 117 20.63 3.57 -7.37
C MET S 117 19.57 4.56 -6.95
N MET S 118 19.95 5.79 -6.69
CA MET S 118 19.01 6.86 -6.44
C MET S 118 19.38 8.04 -7.30
N HIS S 119 18.39 8.59 -8.00
CA HIS S 119 18.62 9.63 -8.97
C HIS S 119 17.57 10.72 -8.77
N PHE S 120 18.01 11.97 -8.67
CA PHE S 120 17.10 13.06 -8.42
C PHE S 120 16.55 13.67 -9.70
N GLY S 121 16.98 13.20 -10.85
CA GLY S 121 16.45 13.64 -12.12
C GLY S 121 17.23 14.78 -12.73
N ASN S 122 17.28 14.79 -14.05
CA ASN S 122 18.00 15.79 -14.82
C ASN S 122 17.08 16.95 -15.15
N ASP S 123 17.45 18.14 -14.67
CA ASP S 123 16.75 19.38 -15.00
C ASP S 123 15.26 19.30 -14.70
N GLY T 73 45.30 -21.00 -10.44
CA GLY T 73 45.71 -21.92 -9.39
C GLY T 73 44.60 -22.28 -8.45
N THR T 74 44.77 -23.38 -7.73
CA THR T 74 43.75 -23.83 -6.78
C THR T 74 43.71 -22.97 -5.52
N HIS T 75 42.53 -22.89 -4.94
CA HIS T 75 42.29 -22.17 -3.70
C HIS T 75 41.51 -23.09 -2.78
N ASN T 76 42.01 -23.30 -1.57
CA ASN T 76 41.39 -24.21 -0.62
C ASN T 76 41.20 -23.50 0.70
N GLN T 77 40.06 -23.72 1.34
CA GLN T 77 39.79 -23.18 2.65
C GLN T 77 39.11 -24.24 3.49
N TRP T 78 39.71 -24.56 4.63
CA TRP T 78 39.12 -25.48 5.59
C TRP T 78 38.61 -24.64 6.76
N ASN T 79 37.29 -24.59 6.93
CA ASN T 79 36.68 -23.86 8.02
C ASN T 79 36.15 -24.86 9.02
N LYS T 80 36.75 -24.88 10.22
CA LYS T 80 36.33 -25.77 11.29
C LYS T 80 36.10 -24.99 12.57
N PRO T 81 35.00 -24.24 12.66
CA PRO T 81 34.59 -23.69 13.94
C PRO T 81 33.67 -24.66 14.67
N SER T 82 33.70 -24.60 16.00
CA SER T 82 32.81 -25.40 16.82
C SER T 82 32.00 -24.46 17.70
N LYS T 83 30.68 -24.45 17.49
CA LYS T 83 29.78 -23.52 18.15
C LYS T 83 30.14 -22.05 17.92
N PRO T 84 30.17 -21.60 16.67
CA PRO T 84 30.36 -20.17 16.42
C PRO T 84 29.04 -19.42 16.48
N LYS T 85 28.99 -18.40 17.33
CA LYS T 85 27.78 -17.61 17.45
C LYS T 85 28.08 -16.17 17.06
N THR T 86 27.33 -15.64 16.11
CA THR T 86 27.62 -14.35 15.50
C THR T 86 26.39 -13.47 15.60
N ASN T 87 26.57 -12.22 16.01
CA ASN T 87 25.49 -11.27 16.15
C ASN T 87 25.73 -10.05 15.28
N MET T 88 24.74 -9.68 14.49
CA MET T 88 24.69 -8.40 13.80
C MET T 88 23.44 -7.69 14.26
N LYS T 89 23.59 -6.63 15.04
CA LYS T 89 22.45 -5.94 15.62
C LYS T 89 22.60 -4.45 15.46
N HIS T 90 21.47 -3.78 15.24
CA HIS T 90 21.38 -2.32 15.23
C HIS T 90 22.32 -1.70 14.19
N MET T 91 22.31 -2.25 13.00
CA MET T 91 23.23 -1.79 11.97
C MET T 91 22.47 -1.40 10.72
N ALA T 92 23.01 -0.43 9.99
CA ALA T 92 22.38 0.06 8.77
C ALA T 92 23.41 0.20 7.66
N GLY T 93 23.01 -0.10 6.44
CA GLY T 93 23.89 0.14 5.32
C GLY T 93 24.15 1.62 5.08
N ALA T 94 23.10 2.42 5.13
CA ALA T 94 23.21 3.87 5.00
C ALA T 94 22.08 4.50 5.76
N ALA T 95 22.38 5.52 6.55
CA ALA T 95 21.39 6.20 7.37
C ALA T 95 21.51 7.70 7.13
N ALA T 96 20.38 8.35 6.89
CA ALA T 96 20.36 9.79 6.65
C ALA T 96 19.23 10.40 7.45
N ALA T 97 19.52 11.48 8.18
CA ALA T 97 18.52 12.23 8.92
C ALA T 97 18.72 13.69 8.56
N GLY T 98 17.94 14.18 7.61
CA GLY T 98 18.12 15.53 7.11
C GLY T 98 16.84 16.33 7.26
N ALA T 99 16.96 17.62 6.96
CA ALA T 99 15.83 18.51 7.05
C ALA T 99 16.12 19.76 6.23
N VAL T 100 15.16 20.19 5.44
CA VAL T 100 15.22 21.44 4.72
C VAL T 100 14.12 22.34 5.26
N VAL T 101 14.51 23.39 5.97
CA VAL T 101 13.58 24.23 6.68
C VAL T 101 13.72 25.67 6.19
N GLY T 102 12.63 26.41 6.25
CA GLY T 102 12.68 27.83 6.01
C GLY T 102 11.57 28.27 5.10
N GLY T 103 11.69 29.49 4.59
CA GLY T 103 10.61 30.07 3.80
C GLY T 103 10.22 29.22 2.60
N LEU T 104 11.20 28.69 1.89
CA LEU T 104 10.95 27.83 0.73
C LEU T 104 9.98 28.48 -0.24
N GLY T 105 10.15 29.76 -0.50
CA GLY T 105 9.32 30.45 -1.46
C GLY T 105 7.99 30.94 -0.97
N GLY T 106 7.69 30.77 0.32
CA GLY T 106 6.42 31.16 0.88
C GLY T 106 6.56 32.30 1.88
N TYR T 107 5.42 32.70 2.41
CA TYR T 107 5.32 33.86 3.30
C TYR T 107 4.80 33.40 4.64
N MET T 108 5.70 33.29 5.61
CA MET T 108 5.35 32.72 6.91
C MET T 108 5.55 33.76 7.99
N LEU T 109 4.58 33.85 8.91
CA LEU T 109 4.72 34.71 10.07
C LEU T 109 4.79 33.85 11.32
N GLY T 110 5.57 32.79 11.26
CA GLY T 110 5.76 31.93 12.40
C GLY T 110 7.05 31.17 12.28
N SER T 111 7.33 30.39 13.30
CA SER T 111 8.53 29.59 13.36
C SER T 111 8.33 28.27 12.62
N ALA T 112 9.33 27.90 11.83
CA ALA T 112 9.36 26.61 11.18
C ALA T 112 10.49 25.78 11.78
N MET T 113 10.14 24.74 12.51
CA MET T 113 11.14 23.83 13.05
C MET T 113 10.95 22.42 12.55
N SER T 114 12.02 21.63 12.63
CA SER T 114 12.04 20.27 12.13
C SER T 114 13.08 19.48 12.89
N ARG T 115 12.67 18.38 13.50
CA ARG T 115 13.56 17.56 14.32
C ARG T 115 13.47 16.10 13.89
N PRO T 116 14.04 15.75 12.75
CA PRO T 116 14.06 14.34 12.35
C PRO T 116 15.01 13.55 13.23
N MET T 117 14.49 12.47 13.82
CA MET T 117 15.27 11.63 14.71
C MET T 117 15.40 10.24 14.11
N MET T 118 16.59 9.68 14.22
CA MET T 118 16.81 8.29 13.82
C MET T 118 17.56 7.59 14.94
N HIS T 119 17.07 6.44 15.34
CA HIS T 119 17.59 5.72 16.49
C HIS T 119 17.73 4.26 16.12
N PHE T 120 18.91 3.69 16.36
CA PHE T 120 19.17 2.31 15.99
C PHE T 120 18.78 1.34 17.08
N GLY T 121 18.34 1.82 18.23
CA GLY T 121 17.86 0.96 19.29
C GLY T 121 18.94 0.63 20.30
N ASN T 122 18.51 0.48 21.55
CA ASN T 122 19.40 0.16 22.67
C ASN T 122 19.50 -1.34 22.84
N ASP T 123 20.71 -1.86 22.71
CA ASP T 123 21.01 -3.27 22.97
C ASP T 123 20.11 -4.21 22.19
#